data_6LNU
#
_entry.id   6LNU
#
loop_
_entity.id
_entity.type
_entity.pdbx_description
1 polymer 'Genome polyprotein'
2 polymer 'Genome polyprotein'
#
loop_
_entity_poly.entity_id
_entity_poly.type
_entity_poly.pdbx_seq_one_letter_code
_entity_poly.pdbx_strand_id
1 'polypeptide(L)'
;IRCIGVSNRDFVEGMSGGTWVDVVLEHGGCVTVMAQDKPTVDIELVTTTVSNMAEVRSYCYEASISDMASDSRCPTQGEA
YLDKQSDTQYVCKRTLVDRGWGNGCGLFGKGSLVTCAKFACSKKMTGKSIQPENLEYRIMLSVHGSQHSGMIVNDTGHET
DENRAKVEITPNSPRAEATLGGFGSLGLDCEPRTGLDFSDLYYLTMNNKHWLVHKEWFHDIPLPWHAGADTGTPHWNNKE
ALVEFKDAHAKRQTVVVLGSQEGAVHTALAGALEAEMDGAKGRLSSGHLKCRLKMDKLRLKGVSYSLCTAAFTFTKIPAE
TLHGTVTVEVQYAGTDGPCKVPAQMAVDMQTLTPVGRLITANPVITESTENSKMMLELDPPFGDSYIVIGVGEKKITHHW
HRSGSTIGKAFEATVRGAKRMAVLGDTAWDFGSVGGALNSLGKGIHQIFGAAFKSLFGGMSWFSQILIGTLLMWLGLNTK
NGSISLMCLALGGVLIFLSTAVSA
;
A,B,C
2 'polypeptide(L)'
;RGSAYYMYLDRNDAGEAISFPTTLGMNKCYIQIMDLGHMCDATMSYECPMLDEGVEPDDVDCWCNTTSTWVVYGTCHHKK
GEARRSRRAVTLPSHSTRKLQTRSQTWLESREYTKHLIRVENWIFRNPGFALAAAAIAWLLGSSTSQKVIYLVMILLIAP
AYS
;
D,E,F
#
# COMPACT_ATOMS: atom_id res chain seq x y z
CA ARG A 2 17.84 -13.97 29.36
CA CYS A 3 19.75 -14.63 26.14
CA ILE A 4 16.60 -12.99 24.71
CA GLY A 5 17.30 -9.71 26.45
CA VAL A 6 20.99 -9.54 27.02
CA SER A 7 24.13 -9.26 24.91
CA ASN A 8 24.10 -12.89 25.89
CA ARG A 9 22.09 -14.46 23.13
CA ASP A 10 21.68 -17.72 21.46
CA PHE A 11 18.93 -17.12 19.01
CA VAL A 12 19.06 -20.87 18.70
CA GLU A 13 19.05 -21.33 14.95
CA GLY A 14 21.44 -23.96 13.69
CA MET A 15 21.18 -27.44 12.29
CA SER A 16 17.71 -28.39 13.45
CA GLY A 17 16.94 -31.86 12.36
CA GLY A 18 13.37 -31.96 13.69
CA THR A 19 13.98 -35.25 15.45
CA TRP A 20 17.75 -35.26 15.49
CA VAL A 21 20.21 -32.79 16.59
CA ASP A 22 22.65 -32.23 19.41
CA VAL A 23 23.27 -28.79 20.89
CA VAL A 24 25.25 -27.56 23.84
CA LEU A 25 23.20 -26.39 26.80
CA GLU A 26 24.84 -24.61 29.65
CA HIS A 27 24.23 -22.83 32.90
CA GLY A 28 25.46 -19.43 31.80
CA GLY A 29 23.48 -19.16 28.59
CA CYS A 30 19.85 -19.51 27.53
CA VAL A 31 17.90 -19.84 24.33
CA THR A 32 15.58 -18.32 21.95
CA VAL A 33 14.13 -20.64 19.25
CA MET A 34 13.34 -19.86 15.50
CA ALA A 35 15.14 -22.19 13.29
CA GLN A 36 12.49 -23.75 10.93
CA ASP A 37 8.74 -23.64 11.33
CA LYS A 38 9.11 -21.97 14.43
CA PRO A 39 7.44 -19.93 17.28
CA THR A 40 10.10 -19.36 19.86
CA VAL A 41 10.46 -20.49 23.47
CA ASP A 42 13.33 -20.21 25.94
CA ILE A 43 15.50 -23.10 27.05
CA GLU A 44 17.00 -21.78 30.21
CA LEU A 45 20.22 -22.34 32.06
CA VAL A 46 19.30 -22.16 35.70
CA THR A 47 19.88 -25.13 37.96
CA THR A 48 22.46 -27.33 39.51
CA THR A 49 21.11 -28.94 42.66
CA VAL A 50 22.28 -32.28 43.98
CA SER A 51 18.95 -33.86 45.09
CA ASN A 52 20.06 -36.43 47.80
CA MET A 53 23.62 -35.56 48.72
CA ALA A 54 25.83 -37.78 50.91
CA GLU A 55 28.55 -37.56 53.58
CA VAL A 56 31.66 -39.20 54.84
CA ARG A 57 31.60 -37.06 57.94
CA SER A 58 30.64 -36.31 61.49
CA TYR A 59 32.98 -34.02 63.41
CA CYS A 60 33.52 -31.33 65.86
CA TYR A 61 34.50 -27.80 66.72
CA GLU A 62 32.86 -27.65 70.16
CA ALA A 63 32.71 -29.52 73.46
CA SER A 64 30.69 -30.84 76.29
CA ILE A 65 33.60 -32.68 77.85
CA SER A 66 32.60 -34.82 80.79
CA ASP A 67 33.37 -37.61 83.29
CA MET A 68 36.96 -36.42 83.50
CA ALA A 69 38.22 -38.98 86.00
CA SER A 70 41.67 -40.18 87.06
CA ASP A 71 43.09 -43.23 88.81
CA SER A 72 46.71 -43.33 89.95
CA ARG A 73 49.16 -45.75 91.50
CA CYS A 74 52.69 -45.63 92.82
CA PRO A 75 55.98 -46.24 91.14
CA THR A 76 56.88 -49.93 90.70
CA GLN A 77 53.58 -50.74 92.43
CA GLY A 78 50.64 -50.48 90.06
CA GLU A 79 49.42 -49.03 86.81
CA ALA A 80 45.79 -48.49 87.70
CA TYR A 81 43.95 -49.71 84.55
CA LEU A 82 40.56 -47.92 84.76
CA ASP A 83 37.87 -49.42 82.61
CA LYS A 84 36.79 -46.54 80.39
CA GLN A 85 39.51 -47.14 77.80
CA SER A 86 37.32 -49.20 75.51
CA ASP A 87 34.76 -46.46 74.98
CA THR A 88 35.18 -44.22 71.97
CA GLN A 89 32.85 -41.97 73.95
CA TYR A 90 34.91 -42.05 77.15
CA VAL A 91 38.09 -40.90 75.47
CA CYS A 92 40.82 -42.24 77.67
CA LYS A 93 44.56 -42.50 78.23
CA ARG A 94 47.03 -44.18 80.49
CA THR A 95 49.85 -41.95 81.57
CA LEU A 96 53.20 -42.33 83.33
CA VAL A 97 54.15 -39.67 85.89
CA ASP A 98 55.88 -39.66 89.30
CA ARG A 99 54.00 -40.36 92.56
CA GLY A 100 56.92 -40.62 94.92
CA TRP A 101 57.86 -41.86 98.38
CA GLY A 102 54.81 -41.09 100.47
CA ASN A 103 54.14 -38.35 97.98
CA GLY A 104 50.78 -39.40 96.70
CA CYS A 105 50.47 -43.11 97.41
CA GLY A 106 53.84 -44.16 98.81
CA LEU A 107 56.50 -45.72 96.58
CA PHE A 108 59.26 -43.87 94.78
CA GLY A 109 60.22 -43.91 91.07
CA LYS A 110 57.73 -43.21 88.25
CA GLY A 111 54.46 -45.17 88.11
CA SER A 112 51.31 -44.86 86.09
CA LEU A 113 48.04 -42.96 85.64
CA VAL A 114 44.85 -43.41 83.66
CA THR A 115 42.92 -40.10 83.34
CA CYS A 116 39.79 -40.65 81.18
CA ALA A 117 37.04 -38.22 80.05
CA LYS A 118 33.72 -38.63 78.24
CA PHE A 119 33.87 -36.73 74.97
CA ALA A 120 30.24 -35.75 74.13
CA CYS A 121 30.46 -32.90 71.57
CA SER A 122 27.43 -31.33 69.90
CA LYS A 123 27.99 -29.05 66.86
CA LYS A 124 28.36 -30.62 63.45
CA MET A 125 29.51 -29.48 60.03
CA THR A 126 27.89 -31.60 57.24
CA GLY A 127 30.40 -31.62 54.36
CA LYS A 128 28.01 -32.84 51.62
CA SER A 129 29.47 -35.06 48.90
CA ILE A 130 27.88 -35.05 45.46
CA GLN A 131 27.11 -38.35 43.65
CA PRO A 132 26.44 -36.62 40.28
CA GLU A 133 23.88 -39.28 39.31
CA ASN A 134 21.65 -37.75 41.97
CA LEU A 135 21.96 -34.12 40.74
CA GLU A 136 18.52 -33.73 39.09
CA TYR A 137 18.80 -30.14 37.95
CA ARG A 138 16.05 -28.26 36.13
CA ILE A 139 16.25 -26.41 32.84
CA MET A 140 13.41 -23.97 32.29
CA LEU A 141 11.36 -23.74 29.09
CA SER A 142 8.69 -21.10 28.81
CA VAL A 143 7.46 -19.36 25.55
CA HIS A 144 8.68 -16.40 23.54
CA GLY A 145 6.81 -14.22 21.08
CA SER A 146 3.80 -11.98 21.73
CA GLN A 147 4.74 -11.57 25.41
CA HIS A 148 1.30 -11.55 26.95
CA SER A 149 3.46 -12.48 29.91
CA GLY A 150 5.48 -9.41 28.95
CA MET A 151 2.27 -7.57 29.64
CA ILE A 152 2.79 -8.37 33.32
CA VAL A 153 6.17 -10.05 33.86
CA ASN A 154 8.33 -12.68 32.21
CA ASP A 155 9.24 -14.17 35.60
CA THR A 156 6.07 -16.21 35.63
CA GLY A 157 6.63 -18.92 33.09
CA HIS A 158 3.96 -19.21 30.27
CA GLU A 159 1.70 -19.97 33.18
CA THR A 160 2.77 -20.41 36.80
CA ASP A 161 1.13 -23.83 36.61
CA GLU A 162 3.36 -24.91 33.71
CA ASN A 163 6.04 -22.66 35.16
CA ARG A 164 8.62 -22.13 32.41
CA ALA A 165 7.37 -25.47 31.20
CA LYS A 166 9.06 -27.79 33.54
CA VAL A 167 11.85 -30.24 32.86
CA GLU A 168 14.07 -31.76 35.56
CA ILE A 169 17.24 -33.26 34.10
CA THR A 170 19.73 -35.51 35.88
CA PRO A 171 22.98 -36.88 34.50
CA ASN A 172 21.07 -40.15 34.69
CA SER A 173 20.02 -38.84 31.28
CA PRO A 174 16.24 -38.33 30.96
CA ARG A 175 14.30 -38.63 27.69
CA ALA A 176 11.89 -35.71 28.03
CA GLU A 177 9.34 -34.73 25.38
CA ALA A 178 8.87 -30.92 25.72
CA THR A 179 5.37 -29.80 24.78
CA LEU A 180 4.73 -26.35 23.33
CA GLY A 181 1.83 -24.05 22.40
CA GLY A 182 -0.64 -24.85 19.64
CA PHE A 183 1.87 -27.02 17.81
CA GLY A 184 2.23 -30.25 19.68
CA SER A 185 5.45 -31.35 21.29
CA LEU A 186 9.11 -31.63 20.57
CA GLY A 187 11.35 -34.27 22.08
CA LEU A 188 14.59 -34.63 24.02
CA ASP A 189 17.13 -36.94 25.54
CA CYS A 190 19.85 -35.81 27.84
CA GLU A 191 23.59 -36.30 28.26
CA PRO A 192 26.32 -34.06 29.73
CA ARG A 193 28.19 -31.29 27.97
CA THR A 194 31.40 -29.82 29.47
CA GLY A 195 30.36 -28.14 32.71
CA LEU A 196 31.10 -28.83 36.41
CA ASP A 197 33.16 -32.02 36.04
CA PHE A 198 32.32 -34.22 39.02
CA SER A 199 35.13 -34.55 41.52
CA ASP A 200 32.90 -34.55 44.69
CA LEU A 201 33.45 -30.95 45.59
CA TYR A 202 32.07 -30.77 49.09
CA TYR A 203 29.70 -28.12 50.41
CA LEU A 204 30.02 -27.98 54.17
CA THR A 205 26.78 -26.87 55.64
CA MET A 206 27.09 -25.01 58.98
CA ASN A 207 23.59 -23.44 59.01
CA ASN A 208 22.77 -23.44 55.25
CA LYS A 209 26.06 -21.76 54.39
CA HIS A 210 28.31 -23.80 52.13
CA TRP A 211 31.16 -23.41 49.71
CA LEU A 212 33.20 -25.39 47.22
CA VAL A 213 35.80 -27.55 48.96
CA HIS A 214 38.07 -30.23 47.50
CA LYS A 215 37.56 -33.86 48.48
CA GLU A 216 41.11 -34.61 49.61
CA TRP A 217 40.88 -31.32 51.40
CA PHE A 218 37.57 -32.60 52.68
CA HIS A 219 38.64 -35.81 54.35
CA ASP A 220 42.14 -34.45 54.94
CA ILE A 221 40.57 -32.10 57.46
CA PRO A 222 42.33 -33.49 60.56
CA LEU A 223 39.13 -33.41 62.59
CA PRO A 224 37.35 -36.28 64.19
CA TRP A 225 35.69 -38.28 61.49
CA HIS A 226 32.57 -40.28 62.01
CA ALA A 227 31.72 -41.38 58.49
CA GLY A 228 28.54 -40.15 56.95
CA ALA A 229 26.20 -43.04 57.36
CA ASP A 230 26.56 -43.68 61.11
CA THR A 231 25.64 -40.31 62.85
CA GLY A 232 24.45 -41.82 66.14
CA THR A 233 27.80 -40.55 66.94
CA PRO A 234 30.06 -42.19 69.55
CA HIS A 235 33.20 -42.66 67.47
CA TRP A 236 35.03 -39.60 66.02
CA ASN A 237 38.17 -40.89 64.12
CA ASN A 238 40.65 -38.05 64.69
CA LYS A 239 39.74 -36.97 68.21
CA GLU A 240 42.03 -34.73 70.07
CA ALA A 241 42.54 -31.49 68.24
CA LEU A 242 39.94 -30.47 70.86
CA VAL A 243 41.99 -32.03 73.66
CA GLU A 244 45.16 -30.16 74.48
CA PHE A 245 46.03 -32.87 76.99
CA LYS A 246 48.21 -31.73 79.89
CA ASP A 247 50.65 -33.36 82.33
CA ALA A 248 49.82 -32.22 85.85
CA HIS A 249 51.44 -34.27 88.66
CA ALA A 250 50.50 -37.97 89.27
CA LYS A 251 46.80 -37.01 89.11
CA ARG A 252 44.33 -35.50 86.59
CA GLN A 253 46.35 -35.09 83.44
CA THR A 254 44.01 -32.36 82.22
CA VAL A 255 42.38 -32.29 78.82
CA VAL A 256 42.43 -28.58 77.94
CA VAL A 257 39.59 -27.93 75.61
CA LEU A 258 38.43 -25.58 72.87
CA GLY A 259 35.41 -23.64 71.65
CA SER A 260 33.15 -23.00 68.67
CA GLN A 261 35.94 -22.16 66.18
CA GLU A 262 33.60 -21.37 63.30
CA GLY A 263 34.72 -17.77 63.12
CA ALA A 264 38.30 -18.64 62.35
CA VAL A 265 37.73 -21.24 59.67
CA HIS A 266 35.05 -19.70 58.03
CA THR A 267 37.26 -16.61 57.64
CA ALA A 268 40.37 -18.66 56.86
CA LEU A 269 37.96 -20.81 54.92
CA ALA A 270 37.01 -17.71 52.92
CA GLY A 271 39.49 -19.13 50.37
CA ALA A 272 36.48 -21.30 49.44
CA LEU A 273 33.68 -20.30 47.07
CA GLU A 274 30.64 -19.70 49.28
CA ALA A 275 28.40 -21.68 46.94
CA GLU A 276 25.83 -22.55 49.64
CA MET A 277 22.65 -24.68 49.39
CA ASP A 278 20.24 -22.49 47.47
CA GLY A 279 17.05 -24.50 46.96
CA ALA A 280 15.43 -26.79 49.47
CA LYS A 281 16.43 -29.36 46.89
CA GLY A 282 19.96 -28.15 47.42
CA ARG A 283 21.31 -25.48 45.15
CA LEU A 284 21.94 -23.62 41.91
CA SER A 285 25.29 -23.90 40.12
CA SER A 286 26.92 -23.59 36.73
CA GLY A 287 26.62 -26.97 35.06
CA HIS A 288 26.01 -29.04 31.93
CA LEU A 289 23.59 -30.70 29.57
CA LYS A 290 24.53 -31.57 25.97
CA CYS A 291 20.91 -32.34 24.90
CA ARG A 292 20.37 -33.97 21.57
CA LEU A 293 16.85 -32.79 20.76
CA LYS A 294 13.86 -33.58 18.64
CA MET A 295 11.76 -30.68 17.37
CA ASP A 296 8.81 -32.25 15.58
CA LYS A 297 6.09 -30.01 16.84
CA LEU A 298 7.59 -28.09 14.06
CA ARG A 299 4.75 -25.85 12.81
CA LEU A 300 3.72 -22.21 13.24
CA LYS A 301 0.78 -20.48 14.86
CA GLY A 302 -0.33 -19.74 11.34
CA VAL A 303 -2.96 -20.14 8.64
CA SER A 304 -6.30 -20.19 10.55
CA TYR A 305 -5.51 -16.61 11.54
CA SER A 306 -6.46 -14.89 8.32
CA LEU A 307 -5.74 -11.23 7.67
CA CYS A 308 -7.15 -8.55 10.05
CA THR A 309 -8.77 -5.05 9.92
CA ALA A 310 -6.76 -2.05 11.20
CA ALA A 311 -3.34 -0.50 11.63
CA PHE A 312 -1.79 -0.95 15.04
CA THR A 313 0.59 1.21 16.97
CA PHE A 314 4.35 1.51 17.44
CA THR A 315 3.34 2.91 20.85
CA LYS A 316 6.57 3.64 22.70
CA ILE A 317 9.93 3.48 20.91
CA PRO A 318 12.03 0.94 19.05
CA ALA A 319 13.65 -0.19 22.33
CA GLU A 320 16.39 -2.30 20.76
CA THR A 321 16.86 -5.21 23.08
CA LEU A 322 20.61 -5.53 23.27
CA HIS A 323 21.81 -7.69 20.41
CA GLY A 324 20.17 -6.37 17.24
CA THR A 325 16.73 -7.46 18.55
CA VAL A 326 14.15 -4.70 19.04
CA THR A 327 11.22 -4.93 21.44
CA VAL A 328 8.71 -2.31 20.19
CA GLU A 329 5.53 -1.75 22.20
CA VAL A 330 2.71 -2.96 19.95
CA GLN A 331 -0.95 -2.30 20.72
CA TYR A 332 -3.82 -3.18 18.46
CA ALA A 333 -6.13 -0.59 17.18
CA GLY A 334 -7.27 -3.80 15.53
CA THR A 335 -10.53 -5.56 14.91
CA ASP A 336 -11.31 -8.75 12.89
CA GLY A 337 -8.88 -10.64 15.06
CA PRO A 338 -7.79 -13.50 15.33
CA CYS A 339 -5.82 -12.96 12.14
CA LYS A 340 -2.46 -12.56 10.42
CA VAL A 341 -0.45 -9.59 8.91
CA PRO A 342 1.33 -6.61 8.67
CA ALA A 343 3.83 -6.87 5.98
CA GLN A 344 7.00 -7.78 7.79
CA MET A 345 8.65 -6.31 4.69
CA ALA A 346 10.99 -3.71 6.21
CA VAL A 347 10.50 -1.19 3.45
CA ASP A 348 11.67 2.14 2.27
CA MET A 349 9.55 4.47 0.15
CA GLN A 350 10.89 2.33 -2.71
CA THR A 351 9.48 -0.65 -0.67
CA LEU A 352 12.65 -2.41 0.63
CA THR A 353 13.14 -5.74 2.28
CA PRO A 354 12.32 -7.59 5.57
CA VAL A 355 16.03 -7.90 6.40
CA GLY A 356 15.53 -8.80 10.07
CA ARG A 357 13.48 -11.63 11.40
CA LEU A 358 10.40 -12.74 12.82
CA ILE A 359 9.80 -12.63 16.62
CA THR A 360 6.66 -12.00 17.92
CA ALA A 361 6.76 -15.13 16.18
CA ASN A 362 4.26 -14.58 13.46
CA PRO A 363 2.37 -12.19 11.27
CA VAL A 364 -0.47 -13.62 13.32
CA ILE A 365 -2.44 -11.54 15.78
CA THR A 366 -4.52 -14.14 17.74
CA GLU A 367 -7.01 -11.40 18.61
CA SER A 368 -7.14 -7.76 17.63
CA THR A 369 -10.81 -7.09 18.47
CA GLU A 370 -11.42 -5.24 21.72
CA ASN A 371 -8.05 -3.46 21.16
CA SER A 372 -5.66 -6.20 22.29
CA LYS A 373 -1.97 -5.68 23.04
CA MET A 374 1.30 -7.53 22.36
CA MET A 375 5.01 -7.12 22.47
CA LEU A 376 6.90 -7.10 19.18
CA GLU A 377 10.25 -8.47 20.41
CA LEU A 378 11.65 -9.07 16.92
CA ASP A 379 15.20 -9.06 15.67
CA PRO A 380 15.91 -6.52 12.96
CA PRO A 381 19.43 -6.06 11.56
CA PHE A 382 21.39 -2.85 11.96
CA GLY A 383 20.93 0.04 9.49
CA ASP A 384 17.70 1.57 8.24
CA SER A 385 14.49 -0.02 7.03
CA TYR A 386 10.99 1.41 7.52
CA ILE A 387 9.00 -0.95 9.77
CA VAL A 388 5.61 -1.83 8.26
CA ILE A 389 3.09 -2.00 11.12
CA GLY A 390 -0.61 -2.53 10.52
CA VAL A 391 -3.22 -5.00 11.83
CA GLY A 392 -4.91 -5.26 8.47
CA GLU A 393 -3.82 -2.29 6.34
CA LYS A 394 -2.70 1.44 6.24
CA LYS A 395 0.58 0.18 7.63
CA ILE A 396 2.05 2.67 10.10
CA THR A 397 5.70 2.74 9.36
CA HIS A 398 8.89 3.20 11.40
CA HIS A 399 12.18 4.37 9.92
CA TRP A 400 14.92 2.50 11.64
CA HIS A 401 18.44 3.97 11.17
CA ARG A 402 20.40 1.50 13.32
CA SER A 403 23.86 2.94 12.60
CA GLY A 404 24.40 1.18 9.28
CA SER A 405 23.64 -2.50 8.61
CA THR A 406 26.74 -3.82 10.34
CA ILE A 407 27.92 -6.90 8.51
CA GLY A 408 31.38 -6.19 9.86
CA LYS A 409 30.71 -7.66 13.28
CA ALA A 410 28.35 -10.30 11.97
CA PHE A 411 30.62 -12.59 9.97
CA GLU A 412 33.34 -12.55 12.64
CA ALA A 413 30.84 -13.25 15.42
CA THR A 414 29.10 -16.08 13.58
CA VAL A 415 32.29 -17.72 12.29
CA ARG A 416 33.44 -17.51 15.90
CA GLY A 417 30.12 -18.90 17.12
CA ALA A 418 29.68 -22.09 15.20
CA LYS A 419 33.24 -23.23 15.72
CA ARG A 420 33.08 -22.85 19.50
CA MET A 421 29.48 -24.00 19.62
CA ALA A 422 30.99 -27.00 21.53
CA VAL A 423 30.69 -29.42 18.63
CA LEU A 424 33.64 -31.50 19.92
CA GLY A 425 31.67 -33.52 22.41
CA ASP A 426 29.81 -35.62 19.86
CA THR A 427 31.57 -35.07 16.51
CA ALA A 428 29.34 -37.80 15.06
CA TRP A 429 27.58 -36.08 12.16
CA ASP A 430 27.60 -39.19 9.96
CA PHE A 431 25.09 -40.88 12.35
CA GLY A 432 26.36 -44.22 11.16
CA SER A 433 26.81 -45.17 7.52
CA VAL A 434 24.63 -42.48 5.97
CA GLY A 435 26.81 -39.42 6.42
CA GLY A 436 23.64 -37.61 5.71
CA ALA A 437 23.84 -34.42 7.75
CA LEU A 438 26.63 -31.94 8.48
CA ASN A 439 26.85 -28.35 8.11
CA SER A 440 26.17 -26.78 11.62
CA LEU A 441 29.44 -24.94 11.30
CA GLY A 442 28.24 -24.57 7.80
CA LYS A 443 24.97 -23.48 9.34
CA GLY A 444 26.44 -20.99 11.72
CA ILE A 445 29.72 -20.09 10.05
CA HIS A 446 28.32 -20.38 6.54
CA GLN A 447 24.58 -19.80 6.87
CA ILE A 448 25.38 -16.10 7.34
CA PHE A 449 27.35 -16.21 4.09
CA GLY A 450 24.35 -17.82 2.47
CA ALA A 451 22.34 -15.07 4.12
CA ALA A 452 24.70 -12.19 3.30
CA PHE A 453 25.51 -13.54 -0.20
CA LYS A 454 22.46 -15.49 -1.22
CA SER A 455 20.16 -13.01 -2.52
CA LEU A 456 22.44 -10.96 -5.94
CA PHE A 457 22.05 -13.29 -8.98
CA GLY A 458 19.15 -12.38 -11.23
CA GLY A 459 16.72 -14.99 -12.47
CA MET A 460 17.50 -17.27 -9.54
CA SER A 461 18.16 -16.39 -5.92
CA TRP A 462 18.36 -19.51 -3.76
CA PHE A 463 18.78 -22.27 -6.30
CA SER A 464 21.51 -19.91 -7.54
CA GLN A 465 23.60 -20.91 -4.53
CA ILE A 466 24.91 -23.38 -7.07
CA LEU A 467 25.09 -20.88 -9.91
CA ILE A 468 28.18 -19.01 -8.67
CA GLY A 469 30.30 -21.14 -6.35
CA THR A 470 29.66 -24.34 -8.28
CA LEU A 471 30.59 -22.55 -11.51
CA LEU A 472 33.68 -21.97 -9.41
CA MET A 473 34.43 -25.61 -9.74
CA TRP A 474 33.06 -25.72 -13.29
CA LEU A 475 36.17 -23.73 -14.19
CA GLY A 476 37.66 -27.21 -14.34
CA LEU A 477 40.85 -28.81 -13.12
CA ASN A 478 42.31 -25.32 -13.00
CA THR A 479 45.29 -24.39 -15.07
CA LYS A 480 46.38 -21.10 -13.51
CA ASN A 481 48.22 -22.44 -10.45
CA GLY A 482 47.30 -26.12 -9.89
CA SER A 483 47.00 -25.65 -6.17
CA ILE A 484 43.69 -24.26 -7.47
CA SER A 485 43.29 -27.72 -9.09
CA LEU A 486 42.32 -28.77 -5.57
CA MET A 487 41.11 -25.37 -4.27
CA CYS A 488 38.43 -24.48 -6.85
CA LEU A 489 37.02 -27.99 -6.68
CA ALA A 490 36.81 -27.50 -2.91
CA LEU A 491 35.06 -24.15 -3.53
CA GLY A 492 32.56 -26.02 -5.63
CA GLY A 493 32.36 -28.50 -2.80
CA VAL A 494 31.79 -25.66 -0.35
CA LEU A 495 29.04 -23.90 -2.26
CA ILE A 496 27.47 -27.21 -3.25
CA PHE A 497 27.12 -28.76 0.19
CA LEU A 498 26.34 -25.31 1.39
CA SER A 499 23.76 -25.30 -1.36
CA THR A 500 21.80 -28.10 0.17
CA ALA A 501 22.37 -28.15 3.91
CA VAL A 502 21.08 -24.63 4.62
CA SER A 503 18.27 -23.78 2.21
CA ALA A 504 18.37 -26.69 -0.29
CA ARG B 2 -23.72 -26.51 -23.51
CA CYS B 3 -20.47 -24.92 -24.71
CA ILE B 4 -20.58 -22.86 -21.47
CA GLY B 5 -21.88 -25.55 -19.17
CA VAL B 6 -19.84 -28.51 -20.35
CA SER B 7 -16.37 -29.28 -21.77
CA ASN B 8 -17.64 -28.06 -25.14
CA ARG B 9 -17.00 -24.48 -26.23
CA ASP B 10 -17.53 -22.46 -29.36
CA PHE B 11 -15.20 -19.51 -28.71
CA VAL B 12 -17.24 -16.99 -30.68
CA GLU B 13 -14.84 -14.14 -31.17
CA GLY B 14 -13.40 -14.40 -34.65
CA MET B 15 -14.19 -12.02 -37.48
CA SER B 16 -17.55 -10.53 -36.52
CA GLY B 17 -18.97 -7.45 -37.99
CA GLY B 18 -22.08 -7.23 -35.90
CA THR B 19 -24.47 -7.34 -38.82
CA TRP B 20 -22.20 -9.43 -40.98
CA VAL B 21 -21.28 -12.86 -40.00
CA ASP B 22 -22.78 -16.14 -40.94
CA VAL B 23 -21.33 -18.79 -38.68
CA VAL B 24 -21.56 -22.48 -37.98
CA LEU B 25 -24.58 -23.32 -35.91
CA GLU B 26 -25.42 -26.90 -35.17
CA HIS B 27 -27.27 -29.34 -32.94
CA GLY B 28 -24.56 -30.72 -30.68
CA GLY B 29 -22.88 -27.44 -29.93
CA CYS B 30 -23.81 -23.98 -28.70
CA VAL B 31 -22.58 -20.37 -28.54
CA THR B 32 -20.18 -18.60 -26.15
CA VAL B 33 -20.78 -14.81 -26.37
CA MET B 34 -18.03 -12.60 -25.22
CA ALA B 35 -17.87 -11.63 -28.83
CA GLN B 36 -16.60 -8.07 -28.85
CA ASP B 37 -17.84 -5.71 -26.06
CA LYS B 38 -19.47 -8.55 -24.61
CA PRO B 39 -22.98 -9.21 -23.06
CA THR B 40 -22.75 -12.96 -22.67
CA VAL B 41 -25.29 -15.18 -24.36
CA ASP B 42 -25.70 -18.73 -25.46
CA ILE B 43 -27.47 -19.53 -28.70
CA GLU B 44 -28.22 -23.14 -27.94
CA LEU B 45 -28.86 -26.10 -30.22
CA VAL B 46 -31.97 -28.07 -29.34
CA THR B 47 -35.42 -28.58 -30.68
CA THR B 48 -36.51 -30.05 -34.04
CA THR B 49 -40.12 -30.76 -34.92
CA VAL B 50 -41.06 -31.20 -38.55
CA SER B 51 -44.17 -29.17 -38.03
CA ASN B 52 -46.67 -30.06 -40.77
CA MET B 53 -45.55 -33.54 -41.12
CA ALA B 54 -47.38 -34.69 -44.24
CA GLU B 55 -49.11 -37.90 -45.14
CA VAL B 56 -48.63 -40.36 -48.03
CA ARG B 57 -50.15 -43.67 -46.79
CA SER B 58 -53.04 -45.25 -45.04
CA TYR B 59 -51.83 -48.58 -43.74
CA CYS B 60 -52.94 -51.31 -41.65
CA TYR B 61 -52.46 -53.54 -38.60
CA GLU B 62 -56.08 -54.58 -38.17
CA ALA B 63 -59.14 -56.40 -39.55
CA SER B 64 -62.81 -55.65 -40.11
CA ILE B 65 -63.68 -57.97 -42.99
CA SER B 66 -67.17 -58.65 -44.27
CA ASP B 67 -69.79 -59.63 -46.89
CA MET B 68 -67.69 -62.51 -48.21
CA ALA B 69 -70.28 -63.87 -50.67
CA SER B 70 -70.14 -66.13 -53.71
CA ASP B 71 -71.59 -67.43 -56.96
CA SER B 72 -71.07 -71.05 -57.96
CA ARG B 73 -72.32 -72.14 -61.36
CA CYS B 74 -71.79 -74.89 -63.87
CA PRO B 75 -68.60 -76.20 -65.45
CA THR B 76 -68.30 -74.85 -69.01
CA GLN B 77 -70.98 -72.21 -68.45
CA GLY B 78 -69.17 -68.90 -67.99
CA GLU B 79 -67.56 -66.99 -65.16
CA ALA B 80 -70.77 -66.67 -63.05
CA TYR B 81 -70.83 -63.04 -63.90
CA LEU B 82 -71.08 -60.92 -60.76
CA ASP B 83 -70.52 -57.27 -60.09
CA LYS B 84 -68.76 -57.01 -56.69
CA GLN B 85 -65.35 -56.49 -58.28
CA SER B 86 -65.89 -52.84 -58.86
CA ASP B 87 -66.00 -50.86 -55.65
CA THR B 88 -63.05 -49.96 -53.43
CA GLN B 89 -64.03 -52.24 -50.57
CA TYR B 90 -65.71 -54.66 -53.01
CA VAL B 91 -63.04 -57.26 -53.63
CA CYS B 92 -63.95 -60.24 -55.78
CA LYS B 93 -62.91 -62.98 -58.19
CA ARG B 94 -64.27 -64.91 -61.15
CA THR B 95 -62.90 -68.42 -60.97
CA LEU B 96 -62.98 -71.72 -62.87
CA VAL B 97 -62.65 -75.09 -61.09
CA ASP B 98 -64.33 -78.51 -61.31
CA ARG B 99 -67.72 -79.54 -59.99
CA GLY B 100 -68.95 -81.78 -62.76
CA TRP B 101 -71.98 -83.55 -64.25
CA GLY B 102 -73.75 -85.16 -61.33
CA ASN B 103 -70.97 -84.17 -58.95
CA GLY B 104 -72.38 -80.87 -57.80
CA CYS B 105 -73.30 -78.27 -60.46
CA GLY B 106 -74.84 -80.45 -63.14
CA LEU B 107 -72.69 -79.58 -66.13
CA PHE B 108 -69.26 -81.08 -66.76
CA GLY B 109 -66.19 -79.10 -67.80
CA LYS B 110 -64.14 -76.77 -65.68
CA GLY B 111 -66.08 -74.01 -64.00
CA SER B 112 -68.01 -70.80 -63.38
CA LEU B 113 -67.38 -69.26 -59.96
CA VAL B 114 -67.24 -65.81 -58.30
CA THR B 115 -66.53 -65.71 -54.49
CA CYS B 116 -66.62 -61.96 -53.61
CA ALA B 117 -66.23 -59.82 -50.43
CA LYS B 118 -66.08 -56.22 -49.19
CA PHE B 119 -63.08 -54.95 -47.34
CA ALA B 120 -63.32 -52.00 -44.85
CA CYS B 121 -60.32 -52.39 -42.44
CA SER B 122 -60.38 -50.95 -38.93
CA LYS B 123 -57.29 -49.20 -37.39
CA LYS B 124 -54.37 -47.29 -39.03
CA MET B 125 -50.57 -47.26 -38.62
CA THR B 126 -49.50 -44.10 -40.44
CA GLY B 127 -45.76 -43.79 -41.37
CA LYS B 128 -45.12 -40.07 -41.09
CA SER B 129 -43.36 -38.21 -43.92
CA ILE B 130 -41.24 -35.15 -43.37
CA GLN B 131 -41.08 -32.31 -46.02
CA PRO B 132 -38.25 -29.94 -44.99
CA GLU B 133 -40.08 -26.74 -45.97
CA ASN B 134 -42.21 -27.43 -42.90
CA LEU B 135 -39.30 -28.51 -40.69
CA GLU B 136 -38.89 -25.69 -38.10
CA TYR B 137 -35.63 -26.55 -36.48
CA ARG B 138 -35.18 -24.62 -33.25
CA ILE B 139 -32.24 -23.14 -31.46
CA MET B 140 -32.64 -21.88 -27.93
CA LEU B 141 -31.03 -18.52 -27.28
CA SER B 142 -30.21 -17.13 -23.86
CA VAL B 143 -28.85 -13.92 -22.30
CA HIS B 144 -26.35 -14.75 -19.59
CA GLY B 145 -24.69 -12.56 -17.03
CA SER B 146 -26.33 -12.18 -13.61
CA GLN B 147 -28.87 -14.94 -14.43
CA HIS B 148 -30.81 -14.55 -11.19
CA SER B 149 -32.71 -17.72 -11.99
CA GLY B 150 -29.53 -19.12 -13.53
CA MET B 151 -28.20 -18.54 -10.06
CA ILE B 152 -30.74 -21.28 -9.36
CA VAL B 153 -30.03 -23.27 -12.54
CA ASN B 154 -28.74 -21.87 -15.79
CA ASP B 155 -31.02 -23.98 -18.00
CA THR B 156 -34.12 -22.10 -16.79
CA GLY B 157 -36.05 -19.86 -19.10
CA HIS B 158 -34.98 -16.54 -17.41
CA GLU B 159 -38.20 -16.71 -15.42
CA THR B 160 -41.24 -18.84 -15.97
CA ASP B 161 -42.37 -16.42 -18.72
CA GLU B 162 -39.83 -15.87 -21.49
CA ASN B 163 -38.28 -19.31 -21.87
CA ARG B 164 -34.96 -17.84 -23.11
CA ALA B 165 -36.66 -16.30 -26.10
CA LYS B 166 -37.73 -18.88 -28.63
CA VAL B 167 -37.06 -18.78 -32.34
CA GLU B 168 -37.73 -21.63 -34.77
CA ILE B 169 -35.40 -21.55 -37.76
CA THR B 170 -36.46 -23.95 -40.50
CA PRO B 171 -34.42 -24.48 -43.67
CA ASN B 172 -36.77 -21.83 -45.12
CA SER B 173 -34.76 -19.47 -42.83
CA PRO B 174 -36.86 -17.00 -40.84
CA ARG B 175 -35.23 -13.61 -40.24
CA ALA B 176 -36.32 -12.83 -36.66
CA GLU B 177 -34.55 -10.39 -34.39
CA ALA B 178 -34.04 -11.61 -30.83
CA THR B 179 -33.76 -8.82 -28.21
CA LEU B 180 -30.42 -8.43 -26.42
CA GLY B 181 -30.98 -7.29 -22.82
CA GLY B 182 -31.21 -3.54 -22.63
CA PHE B 183 -28.72 -3.16 -25.48
CA GLY B 184 -30.59 -3.93 -28.65
CA SER B 185 -31.22 -7.12 -30.48
CA LEU B 186 -29.70 -9.95 -32.46
CA GLY B 187 -31.17 -10.15 -35.90
CA LEU B 188 -31.31 -13.09 -38.26
CA ASP B 189 -30.78 -14.02 -41.87
CA CYS B 190 -30.09 -17.70 -42.39
CA GLU B 191 -29.59 -20.69 -44.72
CA PRO B 192 -28.58 -24.32 -43.93
CA ARG B 193 -25.22 -25.33 -42.49
CA THR B 194 -24.29 -29.05 -42.21
CA GLY B 195 -27.27 -30.55 -40.43
CA LEU B 196 -30.39 -32.46 -41.53
CA ASP B 197 -29.93 -32.74 -45.27
CA PHE B 198 -33.35 -33.64 -46.58
CA SER B 199 -32.94 -37.39 -46.77
CA ASP B 200 -36.77 -37.81 -46.61
CA LEU B 201 -36.55 -39.31 -43.17
CA TYR B 202 -39.81 -40.93 -42.11
CA TYR B 203 -41.29 -41.87 -38.75
CA LEU B 204 -44.09 -44.08 -37.54
CA THR B 205 -47.16 -42.89 -35.85
CA MET B 206 -48.61 -45.87 -33.89
CA ASN B 207 -49.85 -44.07 -30.75
CA ASN B 208 -47.07 -41.44 -30.66
CA LYS B 209 -44.41 -44.10 -31.13
CA HIS B 210 -42.60 -42.75 -34.13
CA TRP B 211 -39.37 -43.99 -35.62
CA LEU B 212 -37.20 -43.74 -38.67
CA VAL B 213 -37.83 -46.11 -41.54
CA HIS B 214 -35.78 -46.35 -44.72
CA LYS B 215 -37.27 -44.43 -47.60
CA GLU B 216 -37.32 -47.11 -50.32
CA TRP B 217 -38.53 -49.54 -47.73
CA PHE B 218 -40.98 -47.02 -46.48
CA HIS B 219 -42.67 -47.03 -49.84
CA ASP B 220 -41.83 -50.72 -50.15
CA ILE B 221 -43.57 -51.52 -46.85
CA PRO B 222 -45.91 -54.41 -47.83
CA LEU B 223 -48.91 -52.43 -46.55
CA PRO B 224 -51.76 -50.44 -48.15
CA TRP B 225 -50.97 -47.19 -49.72
CA HIS B 226 -54.04 -45.02 -49.55
CA ALA B 227 -52.20 -41.74 -49.52
CA GLY B 228 -52.78 -39.59 -46.50
CA ALA B 229 -55.05 -37.01 -47.98
CA ASP B 230 -57.57 -39.68 -49.05
CA THR B 231 -58.38 -40.84 -45.50
CA GLY B 232 -62.11 -41.54 -45.81
CA THR B 233 -60.43 -44.75 -46.06
CA PRO B 234 -61.83 -47.05 -48.82
CA HIS B 235 -59.22 -47.70 -51.54
CA TRP B 236 -55.80 -49.02 -50.38
CA ASN B 237 -53.16 -49.90 -53.04
CA ASN B 238 -52.09 -52.96 -50.99
CA LYS B 239 -54.50 -55.13 -49.07
CA GLU B 240 -52.39 -58.23 -49.59
CA ALA B 241 -50.98 -57.15 -46.19
CA LEU B 242 -53.80 -58.48 -43.98
CA VAL B 243 -56.15 -60.70 -45.99
CA GLU B 244 -55.19 -63.95 -47.70
CA PHE B 245 -57.90 -64.99 -50.14
CA LYS B 246 -58.21 -68.69 -49.48
CA ASP B 247 -60.55 -71.53 -50.45
CA ALA B 248 -63.45 -73.53 -49.05
CA HIS B 249 -64.83 -75.67 -51.92
CA ALA B 250 -65.20 -73.75 -55.25
CA LYS B 251 -67.54 -71.32 -53.43
CA ARG B 252 -67.26 -69.11 -50.36
CA GLN B 253 -63.55 -69.36 -51.06
CA THR B 254 -62.45 -67.79 -47.84
CA VAL B 255 -60.62 -64.58 -47.07
CA VAL B 256 -58.38 -65.77 -44.20
CA VAL B 257 -57.38 -62.65 -42.52
CA LEU B 258 -54.62 -61.35 -40.30
CA GLY B 259 -55.44 -59.44 -37.13
CA SER B 260 -53.63 -57.06 -34.84
CA GLN B 261 -50.03 -57.32 -36.22
CA GLU B 262 -49.11 -54.57 -33.82
CA GLY B 263 -46.51 -55.91 -31.40
CA ALA B 264 -45.33 -58.22 -34.18
CA VAL B 265 -44.01 -55.57 -36.52
CA HIS B 266 -43.80 -53.24 -33.71
CA THR B 267 -40.85 -55.36 -32.57
CA ALA B 268 -39.82 -56.23 -36.10
CA LEU B 269 -40.42 -52.53 -36.54
CA ALA B 270 -38.33 -52.16 -33.43
CA GLY B 271 -35.83 -53.35 -35.93
CA ALA B 272 -35.58 -49.51 -36.20
CA LEU B 273 -35.04 -46.59 -33.86
CA GLU B 274 -37.74 -45.32 -31.49
CA ALA B 275 -37.62 -41.71 -32.80
CA GLU B 276 -40.94 -40.90 -31.06
CA MET B 277 -43.36 -37.93 -31.42
CA ASP B 278 -41.93 -35.50 -28.91
CA GLY B 279 -43.57 -32.15 -29.54
CA ALA B 280 -47.27 -31.70 -30.11
CA LYS B 281 -46.27 -30.18 -33.42
CA GLY B 282 -43.76 -32.97 -33.75
CA ARG B 283 -40.50 -34.25 -32.46
CA LEU B 284 -36.82 -33.80 -31.63
CA SER B 285 -33.93 -34.13 -34.12
CA SER B 286 -30.58 -32.56 -35.00
CA GLY B 287 -30.22 -29.58 -37.38
CA HIS B 288 -28.05 -26.78 -38.90
CA LEU B 289 -27.63 -23.09 -39.24
CA LYS B 290 -25.48 -20.44 -40.98
CA CYS B 291 -27.10 -17.35 -39.46
CA ARG B 292 -25.69 -14.08 -40.76
CA LEU B 293 -26.58 -12.32 -37.56
CA LYS B 294 -27.35 -8.68 -36.79
CA MET B 295 -25.61 -7.41 -33.66
CA ASP B 296 -24.46 -3.89 -34.40
CA LYS B 297 -26.51 -3.02 -31.30
CA LEU B 298 -23.88 -4.83 -29.27
CA ARG B 299 -23.72 -2.48 -26.30
CA LEU B 300 -22.28 -3.36 -22.91
CA LYS B 301 -23.54 -3.64 -19.39
CA GLY B 302 -20.35 -2.11 -18.58
CA VAL B 303 -18.19 0.88 -17.56
CA SER B 304 -21.29 3.10 -17.50
CA TYR B 305 -21.86 1.24 -14.23
CA SER B 306 -19.45 3.17 -12.08
CA LEU B 307 -17.46 1.40 -9.38
CA CYS B 308 -19.32 -0.13 -6.42
CA THR B 309 -18.79 -0.18 -2.62
CA ALA B 310 -17.33 -3.30 -1.04
CA ALA B 311 -15.26 -6.43 -1.26
CA PHE B 312 -17.08 -9.69 -2.07
CA THR B 313 -16.31 -13.38 -1.93
CA PHE B 314 -15.88 -15.96 -4.66
CA THR B 315 -18.58 -17.59 -2.58
CA LYS B 316 -18.20 -21.21 -3.62
CA ILE B 317 -15.02 -21.92 -5.61
CA PRO B 318 -13.46 -20.73 -8.85
CA ALA B 319 -15.13 -23.75 -10.53
CA GLU B 320 -13.35 -24.15 -13.84
CA THR B 321 -16.31 -25.64 -15.62
CA LEU B 322 -14.70 -28.24 -17.73
CA HIS B 323 -13.83 -26.02 -20.63
CA GLY B 324 -11.66 -23.36 -19.07
CA THR B 325 -13.89 -20.71 -17.45
CA VAL B 326 -13.96 -20.57 -13.68
CA THR B 327 -17.56 -20.06 -12.70
CA VAL B 328 -17.17 -17.80 -9.66
CA GLU B 329 -20.30 -17.22 -7.62
CA VAL B 330 -20.27 -13.80 -5.94
CA GLN B 331 -21.97 -12.74 -2.72
CA TYR B 332 -21.75 -8.98 -3.23
CA ALA B 333 -20.99 -8.17 0.38
CA GLY B 334 -21.82 -4.46 0.20
CA THR B 335 -23.66 -1.64 -1.43
CA ASP B 336 -23.83 0.90 -4.31
CA GLY B 337 -24.99 -0.88 -7.42
CA PRO B 338 -25.46 -0.54 -10.38
CA CYS B 339 -21.68 -0.38 -10.62
CA LYS B 340 -18.77 -2.18 -12.29
CA VAL B 341 -15.87 -3.69 -10.24
CA PRO B 342 -14.08 -6.53 -9.50
CA ALA B 343 -10.99 -4.51 -10.28
CA GLN B 344 -9.86 -7.55 -12.18
CA MET B 345 -6.15 -7.39 -12.50
CA ALA B 346 -5.83 -11.21 -12.44
CA VAL B 347 -2.64 -10.69 -10.46
CA ASP B 348 -0.02 -13.06 -9.29
CA MET B 349 2.43 -12.78 -6.38
CA GLN B 350 4.04 -9.91 -8.28
CA THR B 351 0.94 -8.15 -9.72
CA LEU B 352 0.41 -9.97 -13.04
CA THR B 353 -2.01 -9.71 -15.89
CA PRO B 354 -5.81 -10.04 -16.42
CA VAL B 355 -5.37 -11.76 -19.78
CA GLY B 356 -8.21 -14.24 -19.92
CA ARG B 357 -11.81 -14.35 -20.74
CA LEU B 358 -14.58 -12.51 -19.36
CA ILE B 359 -18.07 -13.93 -18.41
CA THR B 360 -20.98 -12.73 -16.37
CA ALA B 361 -21.56 -9.96 -18.64
CA ASN B 362 -19.11 -7.35 -17.23
CA PRO B 363 -17.62 -6.63 -13.75
CA VAL B 364 -21.01 -4.88 -13.34
CA ILE B 365 -23.17 -5.72 -10.39
CA THR B 366 -26.36 -3.93 -11.62
CA GLU B 367 -27.51 -3.64 -7.98
CA SER B 368 -25.47 -4.27 -4.85
CA THR B 369 -27.82 -2.86 -2.27
CA GLU B 370 -29.40 -5.21 0.34
CA ASN B 371 -26.32 -7.49 -0.12
CA SER B 372 -27.42 -8.85 -3.50
CA LYS B 373 -25.48 -11.57 -5.32
CA MET B 374 -24.67 -12.95 -8.81
CA MET B 375 -22.19 -15.18 -10.47
CA LEU B 376 -18.98 -13.64 -11.77
CA GLU B 377 -17.67 -16.47 -13.91
CA LEU B 378 -14.47 -15.61 -15.73
CA ASP B 379 -11.97 -17.53 -17.83
CA PRO B 380 -8.52 -16.38 -16.65
CA PRO B 381 -5.28 -17.27 -18.55
CA PHE B 382 -3.65 -20.67 -18.09
CA GLY B 383 -1.47 -21.27 -15.05
CA ASP B 384 -1.10 -19.38 -11.82
CA SER B 385 -3.36 -16.39 -11.31
CA TYR B 386 -4.63 -14.57 -8.26
CA ILE B 387 -8.14 -13.20 -8.75
CA VAL B 388 -8.56 -9.67 -7.38
CA ILE B 389 -12.02 -9.78 -5.89
CA GLY B 390 -14.18 -6.95 -4.61
CA VAL B 391 -17.66 -5.38 -4.97
CA GLY B 392 -16.16 -1.94 -5.23
CA GLU B 393 -12.92 -2.16 -3.30
CA LYS B 394 -10.41 -3.74 -0.83
CA LYS B 395 -9.04 -5.92 -3.69
CA ILE B 396 -8.90 -9.26 -1.86
CA THR B 397 -7.18 -11.54 -4.36
CA HIS B 398 -7.86 -15.26 -5.00
CA HIS B 399 -5.34 -17.81 -6.22
CA TRP B 400 -6.06 -20.17 -9.08
CA HIS B 401 -2.90 -22.08 -10.13
CA ARG B 402 -4.26 -23.86 -13.23
CA SER B 403 -3.31 -27.40 -13.32
CA GLY B 404 -0.79 -27.11 -16.10
CA SER B 405 -0.85 -24.05 -18.29
CA THR B 406 -2.76 -25.99 -20.95
CA ILE B 407 -1.42 -23.87 -23.82
CA GLY B 408 1.27 -26.37 -24.75
CA LYS B 409 -1.46 -28.31 -26.46
CA ALA B 410 -4.15 -25.64 -26.77
CA PHE B 411 -2.26 -24.03 -29.65
CA GLU B 412 -2.65 -27.28 -31.57
CA ALA B 413 -6.26 -27.35 -30.38
CA THR B 414 -6.72 -23.96 -32.04
CA VAL B 415 -4.91 -25.03 -35.24
CA ARG B 416 -7.25 -28.02 -35.32
CA GLY B 417 -10.41 -26.09 -34.38
CA ALA B 418 -10.19 -23.26 -36.87
CA LYS B 419 -9.99 -25.72 -39.74
CA ARG B 420 -12.59 -28.25 -38.53
CA MET B 421 -14.90 -25.25 -38.32
CA ALA B 422 -15.46 -26.38 -41.95
CA VAL B 423 -15.59 -23.32 -44.22
CA LEU B 424 -16.20 -25.85 -47.07
CA GLY B 425 -19.95 -25.37 -46.81
CA ASP B 426 -19.59 -21.83 -48.07
CA THR B 427 -16.18 -21.92 -49.82
CA ALA B 428 -16.75 -18.32 -50.89
CA TRP B 429 -15.29 -16.20 -48.10
CA ASP B 430 -13.85 -13.86 -50.74
CA PHE B 431 -17.60 -13.14 -51.15
CA GLY B 432 -17.49 -12.26 -54.82
CA SER B 433 -14.36 -10.79 -56.35
CA VAL B 434 -14.29 -8.04 -53.71
CA GLY B 435 -12.54 -9.72 -50.81
CA GLY B 436 -14.26 -7.27 -48.49
CA ALA B 437 -14.29 -9.59 -45.46
CA LEU B 438 -11.70 -11.94 -46.84
CA ASN B 439 -10.09 -13.79 -43.98
CA SER B 440 -11.90 -14.75 -40.67
CA LEU B 441 -9.12 -17.33 -40.14
CA GLY B 442 -6.81 -14.43 -40.58
CA LYS B 443 -8.90 -13.21 -37.69
CA GLY B 444 -9.09 -16.45 -35.67
CA ILE B 445 -5.91 -18.52 -35.91
CA HIS B 446 -2.95 -16.13 -35.71
CA GLN B 447 -4.55 -13.90 -33.05
CA ILE B 448 -3.65 -16.41 -30.37
CA PHE B 449 -0.24 -16.68 -32.05
CA GLY B 450 0.22 -12.95 -31.70
CA ALA B 451 -0.96 -13.42 -28.13
CA ALA B 452 1.54 -16.32 -27.96
CA PHE B 453 4.47 -14.09 -28.83
CA LYS B 454 3.31 -11.28 -26.66
CA SER B 455 4.06 -13.62 -23.74
CA LEU B 456 7.68 -14.26 -24.78
CA PHE B 457 8.16 -10.57 -25.57
CA GLY B 458 8.29 -7.15 -23.95
CA GLY B 459 7.01 -3.74 -24.97
CA MET B 460 4.25 -2.96 -27.47
CA SER B 461 1.63 -5.12 -29.11
CA TRP B 462 -0.68 -3.84 -31.81
CA PHE B 463 1.66 -2.59 -34.51
CA SER B 464 4.80 -4.17 -33.15
CA GLN B 465 3.73 -7.27 -35.06
CA ILE B 466 3.48 -5.08 -38.12
CA LEU B 467 7.21 -4.47 -37.60
CA ILE B 468 8.11 -8.15 -37.32
CA GLY B 469 5.77 -9.06 -40.18
CA THR B 470 7.65 -6.65 -42.40
CA LEU B 471 10.87 -8.50 -41.44
CA LEU B 472 9.27 -11.84 -42.22
CA MET B 473 7.90 -10.70 -45.54
CA TRP B 474 10.98 -8.87 -46.76
CA LEU B 475 13.74 -11.27 -46.09
CA GLY B 476 13.13 -11.14 -49.85
CA LEU B 477 12.82 -13.73 -52.56
CA ASN B 478 14.64 -15.84 -49.97
CA THR B 479 18.09 -17.09 -50.36
CA LYS B 480 18.34 -19.73 -47.57
CA ASN B 481 15.30 -21.92 -48.48
CA GLY B 482 13.37 -20.45 -51.42
CA SER B 483 10.32 -22.33 -50.19
CA ILE B 484 10.24 -19.37 -47.82
CA SER B 485 10.00 -17.30 -51.02
CA LEU B 486 6.45 -18.58 -50.78
CA MET B 487 6.24 -18.76 -46.98
CA CYS B 488 7.66 -15.34 -46.09
CA LEU B 489 5.35 -13.35 -48.35
CA ALA B 490 2.62 -15.59 -46.94
CA LEU B 491 3.61 -15.02 -43.30
CA GLY B 492 4.20 -11.29 -43.36
CA GLY B 493 0.81 -11.23 -44.98
CA VAL B 494 -0.72 -13.11 -42.02
CA LEU B 495 1.19 -11.13 -39.37
CA ILE B 496 0.26 -7.72 -40.76
CA PHE B 497 -3.30 -8.70 -41.66
CA LEU B 498 -4.04 -10.05 -38.19
CA SER B 499 -2.37 -7.11 -36.57
CA THR B 500 -4.92 -4.99 -38.38
CA ALA B 501 -7.61 -7.61 -37.87
CA VAL B 502 -6.29 -7.60 -34.32
CA SER B 503 -6.42 -3.85 -33.97
CA ALA B 504 -6.85 -1.63 -37.07
CA ARG C 2 1.45 43.05 -4.33
CA CYS C 3 4.19 41.08 -5.98
CA ILE C 4 2.16 38.17 -4.53
CA GLY C 5 -1.12 38.43 -6.38
CA VAL C 6 -0.64 40.98 -9.12
CA SER C 7 1.20 41.29 -12.43
CA ASN C 8 4.24 42.41 -10.44
CA ARG C 9 6.24 39.72 -8.70
CA ASP C 10 9.41 40.00 -6.69
CA PHE C 11 9.98 36.58 -5.18
CA VAL C 12 12.99 37.37 -3.04
CA GLU C 13 15.12 34.21 -2.88
CA GLY C 14 18.85 34.91 -2.93
CA MET C 15 22.09 34.41 -1.03
CA SER C 16 21.07 34.06 2.60
CA GLY C 17 23.74 33.84 5.19
CA GLY C 18 22.07 33.99 8.56
CA THR C 19 22.71 37.53 9.73
CA TRP C 20 23.82 39.39 6.63
CA VAL C 21 21.85 39.57 3.67
CA ASP C 22 20.81 42.32 1.34
CA VAL C 23 17.55 42.68 -0.60
CA VAL C 24 15.39 45.00 -2.71
CA LEU C 25 12.48 47.14 -1.65
CA GLU C 26 11.57 49.94 -4.01
CA HIS C 27 8.40 51.84 -3.14
CA GLY C 28 6.69 50.62 -6.28
CA GLY C 29 8.02 47.10 -6.10
CA CYS C 30 6.66 44.95 -3.29
CA VAL C 31 8.13 41.70 -2.03
CA THR C 32 7.33 38.12 -1.60
CA VAL C 33 9.55 35.88 0.62
CA MET C 34 10.35 32.13 0.20
CA ALA C 35 13.98 31.67 0.66
CA GLN C 36 14.67 28.37 2.61
CA ASP C 37 12.08 26.75 4.96
CA LYS C 38 9.42 29.16 3.96
CA PRO C 39 6.38 30.85 5.41
CA THR C 40 6.49 33.93 3.21
CA VAL C 41 5.61 37.60 3.84
CA ASP C 42 4.64 40.64 1.74
CA ILE C 43 7.32 43.19 2.61
CA GLU C 44 5.63 46.31 1.35
CA LEU C 45 6.65 49.88 1.05
CA VAL C 46 3.82 52.23 0.93
CA THR C 47 4.77 55.66 2.18
CA THR C 48 7.51 58.24 2.10
CA THR C 49 6.47 60.60 4.84
CA VAL C 50 7.65 64.03 5.92
CA SER C 51 7.31 63.59 9.68
CA ASN C 52 8.70 66.88 10.79
CA MET C 53 7.08 68.69 8.07
CA ALA C 54 8.07 72.35 8.57
CA GLU C 55 7.92 75.91 7.18
CA VAL C 56 10.17 78.69 6.27
CA ARG C 57 7.42 80.13 4.04
CA SER C 58 3.93 81.13 3.48
CA TYR C 59 2.72 83.26 0.61
CA CYS C 60 -0.44 85.35 0.73
CA TYR C 61 -3.28 83.96 -1.39
CA GLU C 62 -5.92 86.39 -0.14
CA ALA C 63 -6.82 90.06 0.13
CA SER C 64 -7.42 91.94 3.36
CA ILE C 65 -5.78 95.34 3.22
CA SER C 66 -6.55 97.86 5.94
CA ASP C 67 -5.58 101.09 7.73
CA MET C 68 -5.10 102.46 4.18
CA ALA C 69 -4.01 105.99 5.15
CA SER C 70 -1.71 108.77 3.88
CA ASP C 71 -0.04 112.03 4.64
CA SER C 72 -0.84 113.90 1.48
CA ARG C 73 0.90 117.23 0.98
CA CYS C 74 0.77 120.54 -0.73
CA PRO C 75 3.13 120.99 -3.68
CA THR C 76 6.57 121.45 -2.07
CA GLN C 77 5.29 120.83 1.45
CA GLY C 78 7.19 117.64 2.25
CA GLU C 79 5.81 114.20 2.76
CA ALA C 80 5.27 114.71 6.54
CA TYR C 81 5.33 110.91 7.18
CA LEU C 82 2.02 109.48 8.27
CA ASP C 83 3.25 106.96 10.77
CA LYS C 84 1.75 103.78 9.43
CA GLN C 85 4.55 103.20 6.93
CA SER C 86 6.62 101.94 9.82
CA ASP C 87 6.10 98.26 10.51
CA THR C 88 6.27 95.03 8.61
CA GLN C 89 2.61 95.00 9.55
CA TYR C 90 1.94 98.74 9.01
CA VAL C 91 3.33 98.44 5.50
CA CYS C 92 4.84 101.31 3.49
CA LYS C 93 4.24 102.94 0.15
CA ARG C 94 4.71 106.53 -1.08
CA THR C 95 3.87 108.69 -4.11
CA LEU C 96 4.74 112.09 -5.51
CA VAL C 97 1.88 113.48 -7.59
CA ASP C 98 0.81 117.06 -8.49
CA ARG C 99 -2.11 118.88 -6.93
CA GLY C 100 -1.58 122.25 -8.54
CA TRP C 101 -2.63 125.76 -7.74
CA GLY C 102 -6.29 126.63 -7.35
CA ASN C 103 -7.35 122.99 -7.32
CA GLY C 104 -6.99 121.49 -3.86
CA CYS C 105 -3.86 123.14 -2.52
CA GLY C 106 -3.09 126.42 -4.21
CA LEU C 107 0.60 125.62 -4.61
CA PHE C 108 2.98 124.95 -7.50
CA GLY C 109 3.83 121.47 -8.70
CA LYS C 110 4.43 118.10 -7.15
CA GLY C 111 4.39 117.62 -3.39
CA SER C 112 4.37 114.07 -2.05
CA LEU C 113 2.12 111.34 -0.67
CA VAL C 114 2.79 108.92 2.21
CA THR C 115 0.08 106.32 1.40
CA CYS C 116 0.38 103.90 4.29
CA ALA C 117 -1.55 100.86 5.42
CA LYS C 118 -1.36 97.87 7.67
CA PHE C 119 -0.89 94.81 5.59
CA ALA C 120 -3.24 92.63 7.64
CA CYS C 121 -4.07 90.00 5.05
CA SER C 122 -6.34 87.06 5.79
CA LYS C 123 -5.42 83.59 4.48
CA LYS C 124 -2.17 81.61 3.98
CA MET C 125 -1.58 78.69 1.59
CA THR C 126 1.63 77.58 3.11
CA GLY C 127 4.34 76.13 0.84
CA LYS C 128 5.47 73.51 3.41
CA SER C 129 9.21 72.50 3.45
CA ILE C 130 10.54 68.91 3.58
CA GLN C 131 13.55 68.09 5.87
CA PRO C 132 14.43 64.97 3.81
CA GLU C 133 16.15 63.18 6.67
CA ASN C 134 12.68 62.57 8.06
CA LEU C 135 11.23 60.38 5.31
CA GLU C 136 10.64 57.74 7.95
CA TYR C 137 8.78 55.05 6.03
CA ARG C 138 6.41 52.84 7.87
CA ILE C 139 7.57 49.68 6.14
CA MET C 140 4.90 47.05 6.30
CA LEU C 141 4.87 43.27 5.95
CA SER C 142 2.17 40.73 6.65
CA VAL C 143 2.56 36.91 6.37
CA HIS C 144 1.89 34.79 3.34
CA GLY C 145 0.97 31.25 3.88
CA SER C 146 -2.15 30.61 6.00
CA GLN C 147 -4.83 33.11 4.78
CA HIS C 148 -7.82 33.01 7.07
CA SER C 149 -7.63 36.73 6.34
CA GLY C 150 -6.90 35.98 2.74
CA MET C 151 -10.10 34.10 3.09
CA ILE C 152 -11.25 37.70 3.23
CA VAL C 153 -8.61 39.41 1.07
CA ASN C 154 -4.86 39.27 0.48
CA ASP C 155 -4.85 43.03 0.20
CA THR C 156 -5.78 44.41 3.63
CA GLY C 157 -3.22 45.15 6.31
CA HIS C 158 -2.67 41.62 7.86
CA GLU C 159 -4.73 42.66 10.92
CA THR C 160 -5.77 46.00 12.13
CA ASP C 161 -3.95 45.59 15.44
CA GLU C 162 -0.61 44.66 13.89
CA ASN C 163 -1.31 46.49 10.67
CA ARG C 164 0.66 44.71 7.92
CA ALA C 165 2.99 43.64 10.72
CA LYS C 166 5.06 46.67 10.41
CA VAL C 167 8.39 48.46 10.89
CA GLU C 168 9.03 52.22 10.80
CA ILE C 169 12.13 52.90 8.72
CA THR C 170 13.93 56.07 7.68
CA PRO C 171 16.33 56.23 4.73
CA ASN C 172 18.90 57.17 7.41
CA SER C 173 19.22 53.40 8.21
CA PRO C 174 17.47 52.18 11.37
CA ARG C 175 18.62 48.91 12.92
CA ALA C 176 15.30 47.10 13.53
CA GLU C 177 14.75 43.39 14.10
CA ALA C 178 11.54 42.27 12.29
CA THR C 179 10.19 39.30 14.25
CA LEU C 180 7.57 36.87 12.98
CA GLY C 181 5.16 34.13 13.99
CA GLY C 182 6.72 30.81 14.86
CA PHE C 183 10.05 32.00 13.47
CA GLY C 184 12.41 33.93 15.57
CA SER C 185 13.67 37.29 14.39
CA LEU C 186 15.46 39.30 11.77
CA GLY C 187 17.76 42.12 12.32
CA LEU C 188 17.79 44.95 9.80
CA ASP C 189 19.97 47.60 8.31
CA CYS C 190 18.43 49.96 5.81
CA GLU C 191 20.38 50.71 2.75
CA PRO C 192 20.31 52.67 -0.52
CA ARG C 193 18.70 50.86 -3.41
CA THR C 194 17.81 52.67 -6.67
CA GLY C 195 15.35 55.36 -5.58
CA LEU C 196 14.62 59.05 -4.79
CA ASP C 197 16.66 61.42 -6.84
CA PHE C 198 16.06 64.43 -4.57
CA SER C 199 16.48 68.17 -5.15
CA ASP C 200 14.72 69.96 -2.20
CA LEU C 201 11.25 69.62 -3.66
CA TYR C 202 8.17 70.84 -1.87
CA TYR C 203 4.71 69.46 -1.34
CA LEU C 204 2.52 72.57 -1.28
CA THR C 205 -0.69 73.20 0.63
CA MET C 206 -3.73 74.81 -1.06
CA ASN C 207 -5.79 73.45 1.88
CA ASN C 208 -3.96 70.11 1.70
CA LYS C 209 -4.40 70.05 -2.10
CA HIS C 210 -0.70 70.19 -2.76
CA TRP C 211 1.62 69.69 -5.61
CA LEU C 212 5.33 69.11 -5.97
CA VAL C 213 7.16 72.39 -6.49
CA HIS C 214 10.80 72.85 -7.37
CA LYS C 215 12.91 74.75 -4.83
CA GLU C 216 14.15 77.02 -7.63
CA TRP C 217 10.58 77.63 -8.66
CA PHE C 218 9.12 77.70 -5.15
CA HIS C 219 11.58 80.37 -4.14
CA ASP C 220 10.94 81.92 -7.55
CA ILE C 221 7.25 82.25 -6.74
CA PRO C 222 6.97 86.08 -6.69
CA LEU C 223 4.61 86.05 -3.70
CA PRO C 224 4.89 87.54 -0.19
CA TRP C 225 6.83 85.07 1.90
CA HIS C 226 5.72 84.96 5.47
CA ALA C 227 7.35 82.02 7.25
CA GLY C 228 5.08 79.57 8.97
CA ALA C 229 7.72 79.68 11.65
CA ASP C 230 7.15 83.45 11.82
CA THR C 231 3.30 83.16 12.11
CA GLY C 232 2.80 86.16 14.42
CA THR C 233 2.09 87.46 11.10
CA PRO C 234 3.23 90.94 10.12
CA HIS C 235 5.87 90.22 7.60
CA TRP C 236 5.24 88.60 4.15
CA ASN C 237 8.71 88.99 2.40
CA ASN C 238 7.36 90.23 -0.97
CA LYS C 239 4.48 92.41 0.14
CA GLU C 240 2.24 93.89 -2.51
CA ALA C 241 2.35 91.16 -5.14
CA LEU C 242 -1.42 91.01 -4.50
CA VAL C 243 -2.04 94.78 -4.18
CA GLU C 244 -2.32 97.17 -7.14
CA PHE C 245 -1.41 100.54 -5.70
CA LYS C 246 -2.68 103.17 -8.15
CA ASP C 247 -3.70 106.88 -8.26
CA ALA C 248 -6.99 108.37 -7.18
CA HIS C 249 -6.10 112.09 -7.49
CA ALA C 250 -3.10 113.15 -5.32
CA LYS C 251 -4.90 111.54 -2.38
CA ARG C 252 -5.89 108.21 -0.85
CA GLN C 253 -3.96 106.47 -3.57
CA THR C 254 -6.10 103.57 -4.75
CA VAL C 255 -4.92 100.25 -3.39
CA VAL C 256 -7.29 98.26 -5.65
CA VAL C 257 -6.77 94.80 -4.38
CA LEU C 258 -6.32 91.29 -5.73
CA GLY C 259 -9.12 89.25 -4.13
CA SER C 260 -7.88 85.88 -3.20
CA GLN C 261 -7.12 84.36 -6.71
CA GLU C 262 -6.79 81.05 -4.89
CA GLY C 263 -8.59 79.10 -7.58
CA ALA C 264 -6.48 80.71 -10.27
CA VAL C 265 -3.08 79.64 -9.02
CA HIS C 266 -4.62 76.59 -7.84
CA THR C 267 -5.32 76.14 -11.54
CA ALA C 268 -2.29 77.49 -13.42
CA LEU C 269 -0.14 76.21 -10.56
CA ALA C 270 -1.66 72.73 -10.98
CA GLY C 271 1.15 72.01 -13.48
CA ALA C 272 2.99 70.08 -10.74
CA LEU C 273 2.53 66.56 -9.48
CA GLU C 274 -0.43 66.98 -7.04
CA ALA C 275 1.85 65.50 -4.39
CA GLU C 276 -0.12 66.03 -1.20
CA MET C 277 0.34 65.06 2.44
CA ASP C 278 -1.48 61.76 2.25
CA GLY C 279 -0.85 60.22 5.66
CA ALA C 280 -1.57 62.17 8.84
CA LYS C 281 2.17 62.05 9.49
CA GLY C 282 2.80 63.03 5.90
CA ARG C 283 3.49 61.86 2.41
CA LEU C 284 3.34 58.66 0.37
CA SER C 285 5.94 58.60 -2.41
CA SER C 286 8.30 56.37 -4.36
CA GLY C 287 11.68 55.60 -2.83
CA HIS C 288 14.33 52.89 -2.53
CA LEU C 289 15.41 50.53 0.15
CA LYS C 290 18.16 47.91 -0.20
CA CYS C 291 17.64 46.89 3.44
CA ARG C 292 20.40 44.53 4.68
CA LEU C 293 18.35 42.02 6.64
CA LYS C 294 19.55 39.40 9.03
CA MET C 295 18.13 36.08 7.88
CA ASP C 296 17.77 34.10 11.10
CA LYS C 297 14.08 34.36 11.69
CA LEU C 298 13.73 31.89 8.89
CA ARG C 299 12.06 28.91 10.57
CA LEU C 300 9.05 26.88 9.47
CA LYS C 301 5.63 27.36 10.97
CA GLY C 302 6.06 23.61 11.07
CA VAL C 303 7.42 20.75 13.09
CA SER C 304 4.88 20.31 15.92
CA TYR C 305 2.10 19.17 13.51
CA SER C 306 1.92 15.46 12.68
CA LEU C 307 -0.05 14.29 9.65
CA CYS C 308 -3.86 14.29 9.47
CA THR C 309 -6.62 11.91 8.38
CA ALA C 310 -8.63 13.69 5.63
CA ALA C 311 -8.59 15.40 2.24
CA PHE C 312 -9.01 19.01 1.17
CA THR C 313 -10.00 20.19 -2.25
CA PHE C 314 -10.20 23.04 -4.71
CA THR C 315 -13.76 23.39 -3.33
CA LYS C 316 -14.74 25.25 -6.43
CA ILE C 317 -11.71 27.37 -7.36
CA PRO C 318 -8.08 26.81 -8.20
CA ALA C 319 -7.82 30.43 -9.49
CA GLU C 320 -4.71 31.15 -11.63
CA THR C 321 -3.05 34.41 -10.64
CA LEU C 322 -0.31 35.14 -13.19
CA HIS C 323 2.94 33.44 -12.45
CA GLY C 324 2.00 29.84 -12.77
CA THR C 325 0.44 30.79 -9.41
CA VAL C 326 -2.92 29.22 -8.68
CA THR C 327 -4.51 30.26 -5.43
CA VAL C 328 -6.75 27.31 -4.69
CA GLU C 329 -9.30 27.19 -1.86
CA VAL C 330 -8.87 24.32 0.62
CA GLN C 331 -11.52 22.43 2.55
CA TYR C 332 -9.54 21.22 5.57
CA ALA C 333 -11.94 18.44 6.51
CA GLY C 334 -9.35 17.12 8.98
CA THR C 335 -9.16 16.22 12.63
CA ASP C 336 -6.95 17.05 15.61
CA GLY C 337 -4.29 19.53 14.63
CA PRO C 338 -1.25 18.71 15.18
CA CYS C 339 -1.28 17.73 11.46
CA LYS C 340 1.15 18.00 8.48
CA VAL C 341 0.06 16.90 4.97
CA PRO C 342 -0.49 18.03 1.78
CA ALA C 343 1.31 15.24 0.15
CA GLN C 344 4.01 17.26 -1.59
CA MET C 345 4.29 14.43 -4.09
CA ALA C 346 1.99 16.38 -6.40
CA VAL C 347 1.91 13.49 -8.76
CA ASP C 348 1.77 12.84 -12.45
CA MET C 349 -0.07 9.85 -13.87
CA GLN C 350 2.78 7.95 -12.25
CA THR C 351 3.80 9.58 -8.99
CA LEU C 352 5.74 12.84 -9.57
CA THR C 353 7.27 15.72 -7.58
CA PRO C 354 6.18 19.08 -5.97
CA VAL C 355 7.84 20.99 -8.74
CA GLY C 356 6.06 24.23 -7.88
CA ARG C 357 6.47 26.10 -4.68
CA LEU C 358 4.77 25.99 -1.64
CA ILE C 359 2.18 28.38 -0.45
CA THR C 360 0.22 27.99 2.43
CA ALA C 361 3.59 27.32 3.31
CA ASN C 362 4.16 23.96 5.05
CA PRO C 363 2.43 20.52 5.01
CA VAL C 364 1.19 21.72 8.37
CA ILE C 365 -2.38 22.86 8.76
CA THR C 366 -1.81 24.37 12.25
CA GLU C 367 -5.20 22.95 13.11
CA SER C 368 -6.97 20.52 10.79
CA THR C 369 -10.14 20.12 12.89
CA GLU C 370 -13.69 20.56 11.86
CA ASN C 371 -13.88 21.16 8.06
CA SER C 372 -11.61 24.22 7.95
CA LYS C 373 -11.12 26.23 4.72
CA MET C 374 -8.22 28.38 3.54
CA MET C 375 -5.80 29.02 0.69
CA LEU C 376 -3.52 26.83 -1.28
CA GLU C 377 -2.17 30.13 -2.64
CA LEU C 378 0.69 28.33 -4.27
CA ASP C 379 2.80 28.89 -7.28
CA PRO C 380 2.87 25.55 -9.09
CA PRO C 381 5.13 25.08 -12.13
CA PHE C 382 3.97 25.76 -15.63
CA GLY C 383 2.65 22.64 -17.35
CA ASP C 384 0.99 19.73 -15.64
CA SER C 385 1.26 18.10 -12.30
CA TYR C 386 -1.58 16.01 -10.90
CA ILE C 387 -1.79 17.92 -7.64
CA VAL C 388 -2.49 15.63 -4.69
CA ILE C 389 -4.82 17.74 -2.57
CA GLY C 390 -5.31 16.24 0.89
CA VAL C 391 -5.49 17.10 4.63
CA GLY C 392 -4.10 13.74 5.67
CA GLU C 393 -4.94 11.45 2.79
CA LYS C 394 -7.58 10.41 0.19
CA LYS C 395 -5.72 12.41 -2.50
CA ILE C 396 -7.88 14.90 -4.37
CA THR C 397 -5.69 14.64 -7.41
CA HIS C 398 -5.55 17.57 -9.76
CA HIS C 399 -3.89 17.79 -13.12
CA TRP C 400 -4.03 21.35 -14.21
CA HIS C 401 -1.64 21.82 -17.17
CA ARG C 402 -0.47 25.32 -16.30
CA SER C 403 -0.36 26.76 -19.85
CA GLY C 404 2.28 24.16 -20.73
CA SER C 405 5.72 24.20 -19.12
CA THR C 406 6.41 27.77 -20.25
CA ILE C 407 10.22 27.74 -20.18
CA GLY C 408 10.66 29.03 -23.72
CA LYS C 409 11.19 32.47 -22.28
CA ALA C 410 11.43 31.66 -18.58
CA PHE C 411 15.12 30.85 -18.99
CA GLU C 412 15.95 34.31 -20.31
CA ALA C 413 13.59 35.71 -17.68
CA THR C 414 15.74 34.12 -14.96
CA VAL C 415 19.02 35.18 -16.60
CA ARG C 416 17.51 38.67 -16.70
CA GLY C 417 16.23 38.76 -13.10
CA ALA C 418 19.46 37.51 -11.60
CA LYS C 419 21.19 40.46 -13.10
CA ARG C 420 18.20 42.84 -13.16
CA MET C 421 18.25 42.72 -9.37
CA ALA C 422 20.60 45.79 -9.59
CA VAL C 423 23.83 44.06 -8.76
CA LEU C 424 26.14 47.06 -9.28
CA GLY C 425 25.15 48.67 -6.01
CA ASP C 426 27.09 46.50 -3.61
CA THR C 427 29.53 44.29 -5.60
CA ALA C 428 30.99 43.33 -2.20
CA TRP C 429 30.52 39.54 -2.06
CA ASP C 430 33.75 39.03 -0.11
CA PHE C 431 33.36 41.13 3.09
CA GLY C 432 37.08 41.74 3.40
CA SER C 433 39.45 38.90 2.58
CA VAL C 434 36.94 36.24 3.70
CA GLY C 435 35.14 35.55 0.44
CA GLY C 436 32.27 33.89 2.24
CA ALA C 437 29.60 33.92 -0.48
CA LEU C 438 30.44 34.25 -4.18
CA ASN C 439 28.06 34.00 -6.77
CA SER C 440 24.57 35.39 -5.89
CA LEU C 441 23.83 35.57 -9.61
CA GLY C 442 24.83 32.06 -10.07
CA LYS C 443 22.54 31.65 -7.06
CA GLY C 444 19.80 33.37 -9.01
CA ILE C 445 20.38 31.95 -12.52
CA HIS C 446 21.84 28.53 -11.80
CA GLN C 447 19.23 27.71 -9.17
CA ILE C 448 16.75 27.35 -12.04
CA PHE C 449 19.51 25.77 -14.09
CA GLY C 450 20.19 23.46 -11.17
CA ALA C 451 16.49 22.82 -11.37
CA ALA C 452 17.26 22.21 -15.07
CA PHE C 453 20.36 20.07 -14.40
CA LYS C 454 18.75 17.89 -11.76
CA SER C 455 15.65 17.48 -13.93
CA LEU C 456 17.42 16.84 -17.24
CA PHE C 457 20.38 14.63 -16.25
CA GLY C 458 21.38 10.96 -16.30
CA GLY C 459 20.22 8.83 -13.41
CA MET C 460 21.07 11.02 -10.41
CA SER C 461 19.92 14.61 -10.07
CA TRP C 462 21.61 17.16 -7.84
CA PHE C 463 24.47 15.32 -6.20
CA SER C 464 25.18 14.34 -9.82
CA GLN C 465 25.51 18.03 -10.74
CA ILE C 466 29.08 17.93 -9.41
CA LEU C 467 29.90 14.58 -10.96
CA ILE C 468 30.50 15.80 -14.53
CA GLY C 469 31.35 19.46 -13.89
CA THR C 470 34.50 18.28 -12.17
CA LEU C 471 35.50 16.33 -15.28
CA LEU C 472 34.78 19.54 -17.15
CA MET C 473 37.68 21.15 -15.47
CA TRP C 474 39.68 17.91 -15.69
CA LEU C 475 39.75 18.60 -19.44
CA GLY C 476 42.16 21.37 -18.49
CA LEU C 477 43.45 24.59 -20.06
CA ASN C 478 42.14 23.46 -23.40
CA THR C 479 44.05 23.16 -26.55
CA LYS C 480 40.99 22.99 -28.72
CA ASN C 481 40.27 26.72 -28.51
CA GLY C 482 41.65 28.30 -25.31
CA SER C 483 38.65 30.56 -25.06
CA ILE C 484 37.27 27.38 -23.53
CA SER C 485 40.31 27.45 -21.28
CA LEU C 486 38.18 30.14 -19.69
CA MET C 487 34.84 28.43 -20.43
CA CYS C 488 35.57 24.86 -19.27
CA LEU C 489 37.42 26.09 -16.20
CA ALA C 490 34.33 28.19 -15.52
CA LEU C 491 32.27 25.02 -15.96
CA GLY C 492 34.48 23.59 -13.25
CA GLY C 493 33.82 27.00 -11.75
CA VAL C 494 30.01 27.24 -12.07
CA LEU C 495 29.30 23.60 -11.19
CA ILE C 496 31.07 24.23 -7.89
CA PHE C 497 29.80 27.81 -7.65
CA LEU C 498 26.16 26.78 -7.47
CA SER C 499 25.81 23.05 -7.53
CA THR C 500 27.35 22.71 -4.16
CA ALA C 501 25.89 25.96 -2.83
CA VAL C 502 22.40 25.44 -4.30
CA SER C 503 21.72 23.22 -1.28
CA ALA C 504 25.17 23.97 0.22
CA ARG D 1 28.44 -44.80 94.99
CA GLY D 2 30.85 -47.73 94.59
CA SER D 3 31.75 -47.34 98.32
CA ALA D 4 33.42 -44.09 97.24
CA TYR D 5 32.17 -40.95 98.97
CA TYR D 6 31.75 -39.20 95.56
CA MET D 7 32.07 -35.81 97.26
CA TYR D 8 30.33 -33.42 94.91
CA LEU D 9 32.09 -30.10 95.43
CA ASP D 10 31.47 -26.72 93.93
CA ARG D 11 31.56 -22.92 94.30
CA ASN D 12 29.94 -23.27 97.72
CA ASP D 13 32.33 -25.99 98.89
CA ALA D 14 35.32 -23.63 98.72
CA GLY D 15 38.57 -25.09 100.14
CA GLU D 16 37.49 -26.90 103.28
CA ALA D 17 38.46 -29.73 105.62
CA ILE D 18 35.63 -32.27 105.19
CA SER D 19 34.48 -34.65 107.95
CA PHE D 20 33.10 -38.12 107.17
CA PRO D 21 33.55 -41.36 109.03
CA THR D 22 35.80 -43.32 106.71
CA THR D 23 37.09 -46.90 106.50
CA LEU D 24 39.99 -46.73 108.96
CA GLY D 25 38.42 -43.94 111.01
CA MET D 26 37.16 -40.42 110.48
CA ASN D 27 38.57 -38.44 107.64
CA LYS D 28 39.21 -34.77 108.22
CA CYS D 29 39.43 -34.31 104.49
CA TYR D 30 41.50 -31.22 103.86
CA ILE D 31 40.21 -30.37 100.41
CA GLN D 32 42.13 -27.35 99.15
CA ILE D 33 41.66 -27.98 95.40
CA MET D 34 39.66 -25.44 93.32
CA ASP D 35 37.21 -23.48 95.44
CA LEU D 36 34.78 -22.82 92.57
CA GLY D 37 32.44 -24.63 90.25
CA HIS D 38 28.64 -24.77 90.58
CA MET D 39 26.84 -27.56 88.79
CA CYS D 40 28.81 -27.47 85.44
CA ASP D 41 28.21 -30.25 82.87
CA ALA D 42 32.03 -30.09 82.68
CA THR D 43 31.91 -32.77 85.29
CA MET D 44 35.32 -32.85 86.98
CA SER D 45 36.05 -35.62 89.53
CA TYR D 46 39.14 -37.01 91.33
CA GLU D 47 39.90 -39.30 94.32
CA CYS D 48 41.78 -38.21 97.36
CA PRO D 49 45.23 -39.65 97.77
CA MET D 50 45.04 -39.05 101.57
CA LEU D 51 46.98 -37.40 104.36
CA ASP D 52 47.13 -40.68 106.34
CA GLU D 53 50.59 -42.19 106.58
CA GLY D 54 51.82 -43.45 103.26
CA VAL D 55 50.45 -40.36 101.53
CA GLU D 56 52.36 -37.30 102.58
CA PRO D 57 50.35 -34.42 101.07
CA ASP D 58 52.79 -32.67 98.80
CA ASP D 59 51.53 -31.86 95.32
CA VAL D 60 48.09 -32.99 96.26
CA ASP D 61 45.37 -30.43 96.66
CA CYS D 62 43.01 -33.02 98.25
CA TRP D 63 43.93 -35.07 101.32
CA CYS D 64 42.50 -36.56 104.51
CA ASN D 65 44.01 -37.60 107.85
CA THR D 66 42.48 -41.07 107.39
CA THR D 67 41.56 -43.00 104.26
CA SER D 68 40.95 -41.26 100.89
CA THR D 69 37.51 -40.24 99.55
CA TRP D 70 36.27 -39.41 96.02
CA VAL D 71 35.89 -35.71 95.21
CA VAL D 72 34.37 -33.65 92.36
CA TYR D 73 35.57 -29.98 92.48
CA GLY D 74 33.27 -28.71 89.71
CA THR D 75 34.63 -26.29 87.17
CA CYS D 76 32.35 -23.23 86.50
CA HIS D 77 33.62 -19.77 86.40
CA HIS D 78 30.08 -19.83 85.05
CA LYS D 79 27.73 -22.77 85.03
CA LYS D 80 28.82 -24.25 81.67
CA GLY D 81 32.08 -25.60 80.31
CA GLU D 82 35.14 -23.42 79.80
CA ALA D 83 36.89 -23.36 76.44
CA ARG D 84 40.47 -22.32 75.58
CA ARG D 85 43.24 -22.44 72.95
CA SER D 86 42.95 -20.28 69.77
CA ARG D 87 41.83 -22.17 66.75
CA ARG D 88 41.50 -23.12 63.13
CA ALA D 89 44.09 -22.10 60.51
CA VAL D 90 43.85 -24.12 57.26
CA THR D 91 41.38 -24.32 54.42
CA LEU D 92 42.11 -22.29 51.29
CA PRO D 93 39.57 -24.15 49.13
CA SER D 94 39.32 -25.42 46.65
CA HIS D 95 41.89 -27.14 44.44
CA SER D 96 43.62 -24.06 43.01
CA THR D 97 41.50 -24.09 39.81
CA ARG D 98 42.82 -27.29 38.22
CA LYS D 99 42.30 -27.50 34.45
CA LEU D 100 45.54 -28.94 33.02
CA GLN D 101 46.78 -25.78 31.28
CA THR D 102 45.35 -25.16 27.77
CA ARG D 103 44.44 -21.47 27.33
CA SER D 104 45.13 -19.24 24.29
CA GLN D 105 42.33 -16.72 23.62
CA THR D 106 42.65 -12.92 23.85
CA TRP D 107 39.43 -11.93 21.91
CA LEU D 108 39.16 -8.08 21.58
CA GLU D 109 36.63 -5.70 19.95
CA SER D 110 36.33 -2.27 18.21
CA ARG D 111 34.10 0.73 17.11
CA GLU D 112 33.72 3.46 14.41
CA TYR D 113 32.62 6.93 15.74
CA THR D 114 29.54 8.49 13.96
CA LYS D 115 30.33 12.12 12.65
CA HIS D 116 28.19 12.93 9.49
CA LEU D 117 30.75 12.33 6.74
CA ILE D 118 32.10 9.13 8.18
CA ARG D 119 28.54 8.32 9.21
CA VAL D 120 27.86 7.82 5.53
CA GLU D 121 31.27 6.14 5.25
CA ASN D 122 29.80 3.72 7.80
CA TRP D 123 26.82 3.44 5.48
CA ILE D 124 29.17 2.37 2.63
CA PHE D 125 30.13 -1.11 3.84
CA ARG D 126 26.89 -1.46 5.71
CA ASN D 127 24.72 -0.78 2.67
CA PRO D 128 22.29 -3.21 1.28
CA GLY D 129 24.94 -4.80 -0.86
CA PHE D 130 24.28 -7.49 -3.41
CA ALA D 131 22.86 -5.28 -6.16
CA LEU D 132 25.38 -2.53 -6.08
CA ALA D 133 27.64 -5.52 -5.55
CA ALA D 134 25.96 -7.14 -8.57
CA ALA D 135 27.45 -4.30 -10.61
CA ALA D 136 30.68 -4.54 -8.62
CA ILE D 137 31.04 -8.13 -9.85
CA ALA D 138 30.89 -6.81 -13.42
CA TRP D 139 33.24 -3.84 -13.07
CA LEU D 140 35.72 -4.91 -10.48
CA LEU D 141 37.82 -6.35 -13.24
CA GLY D 142 38.15 -4.39 -16.45
CA SER D 143 40.40 -1.54 -15.33
CA SER D 144 44.01 -2.76 -15.14
CA THR D 145 46.09 -1.57 -12.19
CA SER D 146 49.70 -0.72 -12.38
CA GLN D 147 48.55 2.84 -11.87
CA LYS D 148 46.09 2.61 -8.91
CA VAL D 149 42.83 1.85 -10.70
CA ILE D 150 41.74 -1.07 -8.55
CA TYR D 151 41.79 1.61 -5.85
CA LEU D 152 40.03 4.03 -8.20
CA VAL D 153 37.19 1.56 -8.70
CA MET D 154 37.18 0.60 -5.00
CA ILE D 155 36.37 4.23 -4.26
CA LEU D 156 34.34 5.09 -7.41
CA LEU D 157 31.57 2.53 -7.69
CA ILE D 158 31.18 2.50 -3.93
CA ALA D 159 29.97 6.06 -4.42
CA PRO D 160 26.63 4.57 -5.53
CA ALA D 161 27.17 2.24 -2.53
CA TYR D 162 28.04 5.25 -0.35
CA SER D 163 24.70 5.25 1.43
CA ARG E 1 -83.23 -61.34 -52.84
CA GLY E 2 -83.58 -60.08 -56.37
CA SER E 3 -86.61 -62.31 -57.18
CA ALA E 4 -85.03 -64.86 -54.77
CA TYR E 5 -86.36 -66.10 -51.44
CA TYR E 6 -85.49 -62.95 -49.39
CA MET E 7 -84.28 -65.38 -46.76
CA TYR E 8 -82.05 -64.06 -43.99
CA LEU E 9 -80.95 -66.78 -41.58
CA ASP E 10 -78.46 -67.03 -38.71
CA ARG E 11 -77.85 -69.20 -35.62
CA ASN E 12 -81.54 -69.05 -34.70
CA ASP E 13 -82.55 -70.63 -37.99
CA ALA E 14 -79.32 -72.46 -37.46
CA GLY E 15 -78.08 -74.30 -40.56
CA GLU E 16 -81.09 -76.60 -40.87
CA ALA E 17 -83.38 -77.69 -43.72
CA ILE E 18 -85.20 -75.16 -45.93
CA SER E 19 -88.75 -75.71 -47.20
CA PHE E 20 -89.84 -72.62 -49.09
CA PRO E 21 -91.35 -71.62 -52.46
CA THR E 22 -90.23 -69.27 -55.23
CA THR E 23 -90.04 -69.18 -59.06
CA LEU E 24 -89.08 -72.78 -59.84
CA GLY E 25 -91.24 -74.13 -56.99
CA MET E 26 -90.90 -75.19 -53.35
CA ASN E 27 -87.52 -76.41 -52.26
CA LYS E 28 -87.31 -79.26 -49.85
CA CYS E 29 -83.75 -77.86 -49.40
CA TYR E 30 -82.27 -80.21 -46.93
CA ILE E 31 -79.51 -78.05 -45.39
CA GLN E 32 -77.15 -80.14 -43.26
CA ILE E 33 -74.38 -77.56 -42.68
CA MET E 34 -72.56 -76.37 -39.52
CA ASP E 35 -75.31 -74.94 -37.32
CA LEU E 36 -73.39 -71.96 -35.96
CA GLY E 37 -73.32 -68.36 -36.99
CA HIS E 38 -75.49 -65.51 -35.72
CA MET E 39 -75.92 -62.10 -37.31
CA CYS E 40 -72.41 -60.45 -37.79
CA ASP E 41 -71.66 -57.79 -40.51
CA ALA E 42 -69.35 -60.48 -41.98
CA THR E 43 -72.20 -61.90 -44.04
CA MET E 44 -72.53 -65.07 -46.05
CA SER E 45 -75.64 -65.05 -48.25
CA TYR E 46 -75.78 -67.87 -50.76
CA GLU E 47 -77.91 -69.97 -53.16
CA CYS E 48 -77.82 -73.72 -53.68
CA PRO E 49 -76.07 -75.21 -56.59
CA MET E 50 -79.05 -77.60 -56.22
CA LEU E 51 -80.12 -81.26 -55.73
CA ASP E 52 -82.57 -80.90 -58.64
CA GLU E 53 -81.87 -83.74 -60.86
CA GLY E 54 -78.65 -83.98 -62.78
CA VAL E 55 -77.13 -81.72 -60.12
CA GLU E 56 -76.64 -84.58 -57.70
CA PRO E 57 -75.38 -83.84 -54.16
CA ASP E 58 -72.01 -85.58 -54.04
CA ASP E 59 -69.55 -82.78 -53.34
CA VAL E 60 -71.88 -79.94 -52.26
CA ASP E 61 -73.38 -78.99 -48.94
CA CYS E 62 -76.37 -77.10 -50.40
CA TRP E 63 -79.04 -79.01 -52.29
CA CYS E 64 -82.79 -78.97 -52.96
CA ASN E 65 -85.33 -81.14 -54.81
CA THR E 66 -86.47 -78.08 -56.78
CA THR E 67 -85.63 -74.37 -56.72
CA SER E 68 -82.03 -73.52 -55.76
CA THR E 69 -82.19 -71.64 -52.48
CA TRP E 70 -81.01 -68.36 -51.04
CA VAL E 71 -79.72 -68.92 -47.50
CA VAL E 72 -77.84 -66.25 -45.54
CA TYR E 73 -76.21 -67.79 -42.38
CA GLY E 74 -73.96 -64.95 -41.07
CA THR E 75 -70.51 -66.02 -39.97
CA CYS E 76 -70.37 -65.25 -36.18
CA HIS E 77 -68.57 -67.56 -33.87
CA HIS E 78 -68.74 -64.37 -31.86
CA LYS E 79 -70.58 -61.27 -32.97
CA LYS E 80 -67.71 -59.86 -35.08
CA GLY E 81 -65.85 -60.94 -38.15
CA GLU E 82 -63.45 -63.86 -37.76
CA ALA E 83 -60.00 -62.56 -36.87
CA ARG E 84 -57.62 -65.35 -37.85
CA ARG E 85 -54.30 -66.12 -39.43
CA SER E 86 -51.12 -65.50 -37.34
CA ARG E 87 -49.45 -62.28 -38.17
CA ARG E 88 -46.98 -60.15 -39.89
CA ALA E 89 -43.29 -60.65 -39.12
CA VAL E 90 -40.78 -59.17 -41.63
CA THR E 91 -40.52 -55.38 -41.74
CA LEU E 92 -37.43 -53.94 -40.02
CA PRO E 93 -36.93 -50.74 -42.02
CA SER E 94 -35.16 -48.63 -41.32
CA HIS E 95 -32.04 -50.28 -39.88
CA SER E 96 -28.51 -48.85 -39.29
CA THR E 97 -29.31 -45.39 -40.68
CA ARG E 98 -28.33 -46.58 -44.16
CA LYS E 99 -24.66 -47.07 -43.18
CA LEU E 100 -22.37 -44.22 -44.33
CA GLN E 101 -20.18 -44.14 -41.20
CA THR E 102 -17.34 -42.67 -43.30
CA ARG E 103 -14.51 -43.20 -40.79
CA SER E 104 -12.39 -40.13 -41.52
CA GLN E 105 -9.88 -37.91 -39.69
CA THR E 106 -10.26 -39.19 -36.07
CA TRP E 107 -8.51 -36.83 -33.59
CA LEU E 108 -5.88 -38.00 -30.98
CA GLU E 109 -5.11 -36.50 -27.50
CA SER E 110 -2.24 -36.28 -24.90
CA ARG E 111 -0.90 -35.22 -21.38
CA GLU E 112 2.44 -34.83 -19.62
CA TYR E 113 3.72 -34.62 -15.99
CA THR E 114 4.98 -33.64 -12.50
CA LYS E 115 3.92 -29.92 -12.44
CA HIS E 116 7.32 -28.42 -11.59
CA LEU E 117 8.85 -28.51 -15.05
CA ILE E 118 5.58 -27.40 -16.61
CA ARG E 119 5.52 -24.35 -14.38
CA VAL E 120 9.06 -23.97 -15.73
CA GLU E 121 8.19 -24.29 -19.42
CA ASN E 122 5.16 -22.06 -19.27
CA TRP E 123 6.99 -19.35 -17.46
CA ILE E 124 9.37 -19.89 -20.35
CA PHE E 125 6.29 -19.24 -22.44
CA ARG E 126 4.92 -16.25 -20.50
CA ASN E 127 8.20 -14.73 -19.18
CA PRO E 128 9.47 -11.15 -19.47
CA GLY E 129 10.79 -12.03 -22.82
CA PHE E 130 12.72 -11.02 -25.94
CA ALA E 131 15.77 -10.06 -23.94
CA LEU E 132 16.34 -13.82 -24.05
CA ALA E 133 15.43 -14.61 -27.68
CA ALA E 134 17.51 -11.77 -29.16
CA ALA E 135 20.26 -13.20 -26.97
CA ALA E 136 19.66 -16.85 -28.06
CA ILE E 137 19.88 -16.33 -31.81
CA ALA E 138 23.38 -14.94 -31.25
CA TRP E 139 24.06 -17.58 -28.58
CA LEU E 140 23.91 -20.72 -30.69
CA LEU E 141 26.01 -19.40 -33.58
CA GLY E 142 29.24 -19.64 -31.59
CA SER E 143 29.39 -23.37 -30.84
CA SER E 144 27.91 -26.41 -32.60
CA THR E 145 24.23 -27.30 -32.75
CA SER E 146 24.95 -30.89 -33.62
CA GLN E 147 26.68 -30.82 -30.30
CA LYS E 148 23.22 -29.32 -29.60
CA VAL E 149 24.42 -25.95 -28.40
CA ILE E 150 20.99 -24.38 -28.77
CA TYR E 151 19.88 -26.98 -26.23
CA LEU E 152 23.05 -26.54 -24.16
CA VAL E 153 23.08 -22.75 -23.80
CA MET E 154 19.28 -22.71 -23.78
CA ILE E 155 19.02 -25.00 -20.78
CA LEU E 156 21.49 -22.36 -19.65
CA LEU E 157 18.72 -19.92 -20.74
CA ILE E 158 15.31 -21.61 -20.34
CA ALA E 159 16.09 -22.19 -16.67
CA PRO E 160 16.55 -18.41 -16.20
CA ALA E 161 13.51 -18.13 -18.47
CA TYR E 162 11.80 -19.73 -15.53
CA SER E 163 14.04 -17.90 -13.05
CA ARG F 1 -9.73 112.52 15.48
CA GLY F 2 -6.75 114.32 13.95
CA SER F 3 -6.51 117.53 16.11
CA ALA F 4 -9.25 119.04 13.89
CA TYR F 5 -13.04 119.25 13.96
CA TYR F 6 -12.83 115.53 15.07
CA MET F 7 -15.16 114.38 12.34
CA TYR F 8 -14.85 110.65 11.71
CA LEU F 9 -17.40 109.96 9.03
CA ASP F 10 -19.38 107.72 6.73
CA ARG F 11 -22.65 108.07 4.78
CA ASN F 12 -24.03 110.36 7.48
CA ASP F 13 -22.08 113.35 6.18
CA ALA F 14 -20.63 111.97 2.91
CA GLY F 15 -21.79 114.13 -0.01
CA GLU F 16 -24.16 116.72 1.50
CA ALA F 17 -24.13 120.20 3.05
CA ILE F 18 -22.27 119.48 6.28
CA SER F 19 -22.06 122.44 8.66
CA PHE F 20 -19.77 122.30 11.69
CA PRO F 21 -17.95 124.99 13.71
CA THR F 22 -14.30 125.90 13.27
CA THR F 23 -11.54 127.69 15.10
CA LEU F 24 -11.74 129.99 12.06
CA GLY F 25 -15.53 130.02 12.06
CA MET F 26 -17.95 127.36 10.86
CA ASN F 27 -17.77 125.23 7.79
CA LYS F 28 -20.88 124.76 5.80
CA CYS F 29 -18.97 122.01 4.35
CA TYR F 30 -20.82 121.47 1.10
CA ILE F 31 -19.62 117.95 0.39
CA GLN F 32 -20.66 116.84 -3.04
CA ILE F 33 -18.70 113.58 -3.09
CA MET F 34 -20.31 110.17 -3.67
CA ASP F 35 -23.27 109.68 -1.31
CA LEU F 36 -22.23 106.09 -0.63
CA GLY F 37 -20.22 104.67 2.20
CA HIS F 38 -21.90 103.84 5.52
CA MET F 39 -20.15 102.34 8.57
CA CYS F 40 -17.95 99.58 6.95
CA ASP F 41 -14.81 97.83 8.22
CA ALA F 42 -13.48 99.27 4.88
CA THR F 43 -11.25 102.01 6.23
CA MET F 44 -10.51 104.84 3.68
CA SER F 45 -10.26 108.38 5.08
CA TYR F 46 -9.62 111.75 3.38
CA GLU F 47 -9.57 115.42 4.49
CA CYS F 48 -11.90 117.87 2.85
CA PRO F 49 -10.03 120.05 0.33
CA MET F 50 -12.17 123.15 0.98
CA LEU F 51 -14.06 125.88 -0.93
CA ASP F 52 -12.39 128.58 1.23
CA GLU F 53 -10.97 130.49 -1.60
CA GLY F 54 -7.82 129.42 -3.40
CA VAL F 55 -8.61 125.81 -2.66
CA GLU F 56 -11.56 126.18 -4.97
CA PRO F 57 -14.14 123.65 -6.22
CA ASP F 58 -12.92 123.04 -9.74
CA ASP F 59 -12.24 119.33 -9.54
CA VAL F 60 -12.09 118.82 -5.76
CA ASP F 61 -15.21 117.49 -4.14
CA CYS F 62 -15.60 118.32 -0.44
CA TRP F 63 -15.76 122.01 0.02
CA CYS F 64 -16.59 124.73 2.56
CA ASN F 65 -16.67 128.53 2.81
CA THR F 66 -14.43 128.25 5.90
CA THR F 67 -11.62 125.85 6.64
CA SER F 68 -11.79 122.17 5.63
CA THR F 69 -12.39 119.39 8.19
CA TRP F 70 -10.85 115.95 8.64
CA VAL F 71 -13.04 113.13 7.43
CA VAL F 72 -13.36 109.34 7.04
CA TYR F 73 -16.30 108.73 4.60
CA GLY F 74 -16.18 104.92 4.45
CA THR F 75 -16.98 102.66 1.52
CA CYS F 76 -19.86 100.20 2.39
CA HIS F 77 -21.67 98.34 -0.24
CA HIS F 78 -21.47 95.75 2.57
CA LYS F 79 -19.71 95.44 5.93
CA LYS F 80 -16.37 94.93 4.16
CA GLY F 81 -13.79 96.30 1.78
CA GLU F 82 -14.92 95.48 -1.72
CA ALA F 83 -13.61 92.80 -4.09
CA ARG F 84 -11.52 93.74 -7.11
CA ARG F 85 -8.89 92.91 -9.62
CA SER F 86 -8.90 89.63 -11.58
CA ARG F 87 -6.87 86.58 -11.20
CA ARG F 88 -3.32 85.50 -11.16
CA ALA F 89 -2.07 82.82 -13.56
CA VAL F 90 1.62 81.91 -13.61
CA THR F 91 3.66 78.77 -14.32
CA LEU F 92 5.26 75.92 -12.35
CA PRO F 93 8.77 74.39 -12.69
CA SER F 94 9.51 71.73 -15.24
CA HIS F 95 9.14 67.94 -15.09
CA SER F 96 11.29 65.24 -13.46
CA THR F 97 15.01 64.51 -13.73
CA ARG F 98 15.74 61.07 -15.21
CA LYS F 99 16.25 59.28 -18.52
CA LEU F 100 15.02 55.95 -19.89
CA GLN F 101 13.79 56.82 -23.40
CA THR F 102 11.57 54.30 -25.21
CA ARG F 103 12.03 51.34 -27.54
CA SER F 104 11.94 47.69 -28.71
CA GLN F 105 9.66 44.71 -28.05
CA THR F 106 6.78 45.31 -30.46
CA TRP F 107 5.71 41.65 -29.82
CA LEU F 108 4.46 39.95 -32.97
CA GLU F 109 2.23 37.02 -32.10
CA SER F 110 1.40 33.83 -33.99
CA ARG F 111 -1.62 31.56 -34.46
CA GLU F 112 -1.96 27.90 -33.59
CA TYR F 113 -3.84 25.83 -36.26
CA THR F 114 -4.85 22.35 -34.84
CA LYS F 115 -4.47 22.60 -31.07
CA HIS F 116 -3.71 18.84 -31.16
CA LEU F 117 -0.65 19.61 -33.28
CA ILE F 118 0.34 22.53 -31.06
CA ARG F 119 0.16 20.26 -28.03
CA VAL F 120 2.48 17.85 -29.81
CA GLU F 121 4.81 20.73 -30.77
CA ASN F 122 4.74 22.12 -27.25
CA TRP F 123 4.99 18.58 -25.92
CA ILE F 124 8.34 18.05 -27.69
CA PHE F 125 10.61 19.93 -25.28
CA ARG F 126 8.30 20.38 -22.32
CA ASN F 127 8.69 16.66 -21.90
CA PRO F 128 10.77 16.94 -18.71
CA GLY F 129 14.19 15.39 -18.84
CA PHE F 130 16.10 13.35 -16.22
CA ALA F 131 14.95 10.24 -18.00
CA LEU F 132 14.20 11.95 -21.32
CA ALA F 133 17.13 14.33 -21.55
CA ALA F 134 18.97 11.53 -19.73
CA ALA F 135 18.00 9.44 -22.72
CA ALA F 136 18.86 12.23 -25.17
CA ILE F 137 22.45 12.56 -23.94
CA ALA F 138 22.96 8.91 -24.99
CA TRP F 139 20.70 8.72 -28.07
CA LEU F 140 22.39 11.86 -29.49
CA LEU F 141 25.77 10.12 -29.81
CA GLY F 142 24.91 7.13 -31.99
CA SER F 143 25.72 8.73 -35.32
CA SER F 144 27.97 11.66 -36.33
CA THR F 145 26.50 14.74 -37.98
CA SER F 146 26.97 16.20 -41.40
CA GLN F 147 23.68 15.28 -43.09
CA LYS F 148 20.64 15.86 -40.82
CA VAL F 149 21.77 13.57 -37.99
CA ILE F 150 21.08 15.92 -35.13
CA TYR F 151 17.77 16.45 -36.97
CA LEU F 152 17.39 12.66 -36.93
CA VAL F 153 17.99 12.21 -33.21
CA MET F 154 15.85 15.23 -32.30
CA ILE F 155 12.96 13.87 -34.39
CA LEU F 156 13.28 10.28 -33.08
CA LEU F 157 12.82 11.22 -29.41
CA ILE F 158 9.36 12.72 -29.26
CA ALA F 159 7.29 9.73 -30.40
CA PRO F 160 7.92 7.39 -27.40
CA ALA F 161 7.27 10.53 -25.38
CA TYR F 162 4.14 10.99 -27.51
CA SER F 163 3.31 7.36 -26.80
#